data_5W86
#
_entry.id   5W86
#
_cell.length_a   56.983
_cell.length_b   112.297
_cell.length_c   97.119
_cell.angle_alpha   90.00
_cell.angle_beta   90.06
_cell.angle_gamma   90.00
#
_symmetry.space_group_name_H-M   'P 1 21 1'
#
loop_
_entity.id
_entity.type
_entity.pdbx_description
1 polymer 'Tyrosine-protein kinase JAK3'
2 non-polymer 4-(benzylamino)-6-({4-[(1-methylpiperidin-4-yl)carbamoyl]phenyl}amino)pyridine-3-carboxamide
3 water water
#
_entity_poly.entity_id   1
_entity_poly.type   'polypeptide(L)'
_entity_poly.pdbx_seq_one_letter_code
;PTIFEERHLKYISQLGKGNFGSVELCRYDPLGDNTGALVAVKQLQHSGPDQQRDFQREIQILKALHSDFIVKYRGVSYGP
GRQSLRLVMEYLPSGCLRDFLQRHRARLDASRLLLYSSQICKGMEYLGSRRCVHRDLAARNILVESEAHVKIADFGLAKL
LPLDKD(PTR)(PTR)VVREPGQSPIFWYAPESLSDNIFSRQSDVWSFGVVLYELFTYCDKSCSPSAEFLRMMGSERDVP
ALSRLLELLEEGQRLPAPPACPAEVHELMKLCWAPSPQDRPSFSALGPQLDMLWS
;
_entity_poly.pdbx_strand_id   A,B,C,D
#
loop_
_chem_comp.id
_chem_comp.type
_chem_comp.name
_chem_comp.formula
9YV non-polymer 4-(benzylamino)-6-({4-[(1-methylpiperidin-4-yl)carbamoyl]phenyl}amino)pyridine-3-carboxamide 'C26 H30 N6 O2'
#
# COMPACT_ATOMS: atom_id res chain seq x y z
N PRO A 1 32.23 43.66 -12.30
CA PRO A 1 32.75 42.35 -11.86
C PRO A 1 33.94 41.92 -12.71
N THR A 2 35.04 41.54 -12.03
CA THR A 2 36.26 41.10 -12.70
C THR A 2 36.20 39.58 -12.77
N ILE A 3 35.83 38.99 -13.95
CA ILE A 3 35.68 37.52 -14.16
C ILE A 3 36.76 36.96 -15.11
N PHE A 4 36.71 35.63 -15.39
CA PHE A 4 37.58 34.94 -16.35
C PHE A 4 36.83 35.06 -17.67
N GLU A 5 36.99 36.20 -18.39
CA GLU A 5 36.29 36.47 -19.65
C GLU A 5 36.45 35.30 -20.62
N GLU A 6 35.32 34.80 -21.15
CA GLU A 6 35.26 33.67 -22.08
C GLU A 6 36.32 33.74 -23.20
N ARG A 7 36.48 34.93 -23.83
CA ARG A 7 37.45 35.17 -24.90
C ARG A 7 38.92 34.95 -24.47
N HIS A 8 39.19 35.00 -23.14
CA HIS A 8 40.52 34.82 -22.58
C HIS A 8 40.81 33.37 -22.11
N LEU A 9 39.75 32.54 -21.98
CA LEU A 9 39.84 31.12 -21.59
C LEU A 9 40.09 30.28 -22.83
N LYS A 10 41.38 30.11 -23.14
CA LYS A 10 41.85 29.40 -24.31
C LYS A 10 41.88 27.90 -24.05
N TYR A 11 40.96 27.15 -24.71
CA TYR A 11 40.83 25.69 -24.60
C TYR A 11 42.06 24.95 -25.05
N ILE A 12 42.37 23.91 -24.31
CA ILE A 12 43.51 23.04 -24.57
C ILE A 12 43.04 21.61 -24.72
N SER A 13 42.51 21.01 -23.65
CA SER A 13 42.09 19.62 -23.70
C SER A 13 41.02 19.30 -22.66
N GLN A 14 40.48 18.08 -22.71
CA GLN A 14 39.48 17.60 -21.76
C GLN A 14 40.15 16.90 -20.59
N LEU A 15 39.64 17.11 -19.38
CA LEU A 15 40.14 16.49 -18.15
C LEU A 15 39.21 15.41 -17.66
N GLY A 16 37.94 15.55 -18.03
CA GLY A 16 36.87 14.64 -17.63
C GLY A 16 35.52 14.98 -18.20
N LYS A 17 34.64 13.97 -18.31
CA LYS A 17 33.28 14.13 -18.83
C LYS A 17 32.30 13.23 -18.09
N GLY A 21 27.69 17.36 -17.04
CA GLY A 21 28.72 18.28 -17.54
C GLY A 21 30.11 17.71 -17.79
N SER A 22 31.12 18.61 -17.88
CA SER A 22 32.52 18.27 -18.16
C SER A 22 33.54 19.25 -17.54
N VAL A 23 34.84 18.86 -17.59
CA VAL A 23 35.96 19.66 -17.09
C VAL A 23 37.02 19.72 -18.17
N GLU A 24 37.48 20.91 -18.51
CA GLU A 24 38.52 21.11 -19.49
C GLU A 24 39.64 21.99 -19.00
N LEU A 25 40.81 21.73 -19.55
CA LEU A 25 42.04 22.46 -19.28
C LEU A 25 42.05 23.62 -20.26
N CYS A 26 42.17 24.82 -19.72
CA CYS A 26 42.21 26.09 -20.44
C CYS A 26 43.47 26.83 -19.99
N ARG A 27 43.93 27.79 -20.77
CA ARG A 27 44.99 28.70 -20.40
C ARG A 27 44.29 30.06 -20.30
N TYR A 28 44.30 30.67 -19.09
CA TYR A 28 43.68 31.98 -18.90
C TYR A 28 44.68 33.01 -19.34
N ASP A 29 44.48 33.49 -20.57
CA ASP A 29 45.37 34.40 -21.25
C ASP A 29 44.71 35.74 -21.54
N PRO A 30 44.62 36.65 -20.53
CA PRO A 30 44.02 37.96 -20.79
C PRO A 30 44.93 38.91 -21.62
N LEU A 31 46.27 38.71 -21.58
CA LEU A 31 47.25 39.54 -22.28
C LEU A 31 47.51 39.09 -23.72
N GLY A 32 46.92 37.96 -24.11
CA GLY A 32 47.07 37.38 -25.44
C GLY A 32 48.48 36.94 -25.84
N ASP A 33 49.47 37.06 -24.94
CA ASP A 33 50.86 36.71 -25.22
C ASP A 33 51.24 35.27 -24.84
N ASN A 34 50.24 34.38 -24.65
CA ASN A 34 50.39 32.94 -24.33
C ASN A 34 51.18 32.69 -23.02
N THR A 35 51.28 33.71 -22.17
CA THR A 35 51.99 33.69 -20.88
C THR A 35 51.02 33.33 -19.71
N GLY A 36 49.74 33.12 -20.06
CA GLY A 36 48.68 32.80 -19.12
C GLY A 36 48.83 31.49 -18.35
N ALA A 37 48.10 31.43 -17.22
CA ALA A 37 48.10 30.31 -16.29
C ALA A 37 47.10 29.23 -16.72
N LEU A 38 47.45 27.96 -16.48
CA LEU A 38 46.58 26.83 -16.78
C LEU A 38 45.62 26.65 -15.64
N VAL A 39 44.33 26.71 -15.95
CA VAL A 39 43.26 26.51 -14.97
C VAL A 39 42.37 25.35 -15.44
N ALA A 40 41.67 24.69 -14.48
CA ALA A 40 40.67 23.66 -14.77
C ALA A 40 39.31 24.42 -14.80
N VAL A 41 38.50 24.19 -15.85
CA VAL A 41 37.22 24.89 -15.99
C VAL A 41 36.08 23.87 -16.07
N LYS A 42 35.10 23.99 -15.13
CA LYS A 42 33.92 23.10 -15.04
C LYS A 42 32.69 23.78 -15.63
N GLN A 43 31.88 23.02 -16.36
CA GLN A 43 30.65 23.53 -16.99
C GLN A 43 29.65 22.40 -17.16
N LEU A 44 28.36 22.73 -17.27
CA LEU A 44 27.32 21.74 -17.49
C LEU A 44 27.01 21.64 -18.98
N GLN A 45 26.88 20.41 -19.50
CA GLN A 45 26.64 20.25 -20.94
C GLN A 45 25.12 20.15 -21.27
N HIS A 46 24.43 19.06 -20.88
CA HIS A 46 22.98 18.96 -21.10
C HIS A 46 22.31 19.55 -19.85
N SER A 47 22.32 20.91 -19.77
CA SER A 47 21.84 21.77 -18.66
C SER A 47 20.36 21.52 -18.23
N GLY A 48 20.15 20.43 -17.49
CA GLY A 48 18.87 20.05 -16.92
C GLY A 48 18.60 20.89 -15.67
N PRO A 49 17.49 21.69 -15.67
CA PRO A 49 17.14 22.59 -14.55
C PRO A 49 17.56 22.28 -13.09
N ASP A 50 17.56 20.99 -12.64
CA ASP A 50 17.91 20.59 -11.25
C ASP A 50 19.44 20.52 -11.02
N GLN A 51 20.18 20.03 -12.04
CA GLN A 51 21.63 19.94 -12.05
C GLN A 51 22.27 21.34 -12.02
N GLN A 52 21.56 22.37 -12.57
CA GLN A 52 21.96 23.78 -12.66
C GLN A 52 21.93 24.53 -11.33
N ARG A 53 20.88 24.34 -10.51
CA ARG A 53 20.72 24.91 -9.16
C ARG A 53 21.84 24.31 -8.26
N ASP A 54 22.12 23.00 -8.49
CA ASP A 54 23.14 22.21 -7.82
C ASP A 54 24.53 22.76 -8.10
N PHE A 55 24.72 23.31 -9.30
CA PHE A 55 25.97 23.93 -9.73
C PHE A 55 26.25 25.23 -8.99
N GLN A 56 25.24 26.12 -8.85
CA GLN A 56 25.37 27.37 -8.06
C GLN A 56 25.68 27.07 -6.59
N ARG A 57 25.12 25.94 -6.01
CA ARG A 57 25.41 25.56 -4.63
C ARG A 57 26.86 25.17 -4.54
N GLU A 58 27.31 24.24 -5.42
CA GLU A 58 28.68 23.77 -5.56
C GLU A 58 29.70 24.92 -5.63
N ILE A 59 29.48 25.92 -6.52
CA ILE A 59 30.41 27.06 -6.70
C ILE A 59 30.62 27.81 -5.39
N GLN A 60 29.52 28.11 -4.65
CA GLN A 60 29.60 28.85 -3.40
C GLN A 60 30.29 28.07 -2.30
N ILE A 61 30.19 26.70 -2.32
CA ILE A 61 30.80 25.83 -1.32
C ILE A 61 32.30 25.81 -1.44
N LEU A 62 32.82 25.56 -2.67
CA LEU A 62 34.23 25.50 -3.01
C LEU A 62 34.86 26.88 -2.80
N LYS A 63 34.13 27.96 -3.16
CA LYS A 63 34.56 29.35 -2.97
C LYS A 63 34.88 29.64 -1.51
N ALA A 64 34.09 29.04 -0.60
CA ALA A 64 34.16 29.18 0.84
C ALA A 64 35.17 28.28 1.57
N LEU A 65 35.59 27.16 0.96
CA LEU A 65 36.53 26.20 1.54
C LEU A 65 37.98 26.64 1.31
N HIS A 66 38.82 26.47 2.36
CA HIS A 66 40.23 26.86 2.34
C HIS A 66 41.10 25.86 3.06
N SER A 67 41.36 24.74 2.40
CA SER A 67 42.27 23.70 2.87
C SER A 67 43.34 23.48 1.79
N ASP A 68 44.55 23.12 2.23
CA ASP A 68 45.66 22.76 1.32
C ASP A 68 45.35 21.42 0.64
N PHE A 69 44.29 20.74 1.12
CA PHE A 69 43.91 19.41 0.68
C PHE A 69 42.54 19.36 -0.03
N ILE A 70 42.07 20.51 -0.48
CA ILE A 70 40.83 20.71 -1.22
C ILE A 70 41.23 21.62 -2.41
N VAL A 71 40.77 21.29 -3.61
CA VAL A 71 41.05 22.05 -4.81
C VAL A 71 40.65 23.52 -4.67
N LYS A 72 41.52 24.44 -5.11
CA LYS A 72 41.24 25.86 -5.01
C LYS A 72 40.24 26.35 -6.03
N TYR A 73 39.31 27.20 -5.56
CA TYR A 73 38.35 27.90 -6.39
C TYR A 73 39.15 29.10 -6.94
N ARG A 74 38.94 29.45 -8.23
CA ARG A 74 39.63 30.58 -8.84
C ARG A 74 38.64 31.69 -9.22
N GLY A 75 37.50 31.30 -9.72
CA GLY A 75 36.48 32.25 -10.12
C GLY A 75 35.42 31.64 -10.98
N VAL A 76 34.86 32.45 -11.87
CA VAL A 76 33.76 32.07 -12.75
C VAL A 76 33.92 32.69 -14.11
N SER A 77 33.17 32.17 -15.05
CA SER A 77 33.12 32.68 -16.41
C SER A 77 31.67 32.57 -16.85
N TYR A 78 31.19 33.49 -17.70
CA TYR A 78 29.82 33.48 -18.25
C TYR A 78 29.64 34.47 -19.41
N LEU A 85 27.26 29.54 -17.44
CA LEU A 85 28.01 29.47 -16.18
C LEU A 85 29.11 28.39 -16.21
N ARG A 86 30.33 28.81 -15.84
CA ARG A 86 31.55 28.01 -15.79
C ARG A 86 32.30 28.35 -14.51
N LEU A 87 32.70 27.30 -13.80
CA LEU A 87 33.45 27.35 -12.55
C LEU A 87 34.94 27.20 -12.86
N VAL A 88 35.72 28.22 -12.51
CA VAL A 88 37.15 28.21 -12.75
C VAL A 88 37.82 27.78 -11.47
N MET A 89 38.79 26.82 -11.58
CA MET A 89 39.56 26.22 -10.46
C MET A 89 41.03 26.03 -10.81
N GLU A 90 41.82 25.60 -9.81
CA GLU A 90 43.23 25.33 -10.03
C GLU A 90 43.39 24.03 -10.80
N TYR A 91 44.51 23.91 -11.50
CA TYR A 91 44.80 22.72 -12.28
C TYR A 91 45.89 21.93 -11.57
N LEU A 92 45.62 20.64 -11.32
CA LEU A 92 46.53 19.66 -10.71
C LEU A 92 46.94 18.75 -11.87
N PRO A 93 48.19 18.89 -12.36
CA PRO A 93 48.60 18.15 -13.58
C PRO A 93 48.67 16.62 -13.49
N SER A 94 49.09 16.05 -12.33
CA SER A 94 49.29 14.61 -12.19
C SER A 94 47.99 13.74 -12.32
N GLY A 95 46.85 14.40 -12.31
CA GLY A 95 45.60 13.70 -12.50
C GLY A 95 45.01 13.01 -11.29
N CYS A 96 44.17 12.04 -11.56
CA CYS A 96 43.39 11.26 -10.63
C CYS A 96 44.25 10.32 -9.79
N LEU A 97 43.97 10.25 -8.47
CA LEU A 97 44.67 9.35 -7.54
C LEU A 97 44.48 7.87 -7.91
N ARG A 98 43.29 7.48 -8.42
CA ARG A 98 43.03 6.10 -8.86
C ARG A 98 43.98 5.68 -10.01
N ASP A 99 44.20 6.55 -11.01
CA ASP A 99 45.14 6.31 -12.11
C ASP A 99 46.59 6.29 -11.61
N PHE A 100 46.97 7.28 -10.75
CA PHE A 100 48.31 7.44 -10.20
C PHE A 100 48.82 6.25 -9.41
N LEU A 101 47.94 5.62 -8.62
CA LEU A 101 48.25 4.44 -7.80
C LEU A 101 48.52 3.21 -8.68
N GLN A 102 47.65 2.95 -9.68
CA GLN A 102 47.79 1.80 -10.59
C GLN A 102 48.92 1.97 -11.62
N ARG A 103 49.34 3.21 -11.90
CA ARG A 103 50.43 3.46 -12.83
C ARG A 103 51.82 3.40 -12.13
N HIS A 104 51.90 3.88 -10.86
CA HIS A 104 53.17 3.95 -10.12
C HIS A 104 53.23 3.06 -8.87
N ARG A 105 52.35 2.05 -8.81
CA ARG A 105 52.20 1.03 -7.75
C ARG A 105 53.54 0.50 -7.19
N ALA A 106 54.48 0.14 -8.07
CA ALA A 106 55.77 -0.43 -7.72
C ALA A 106 56.75 0.54 -7.03
N ARG A 107 56.55 1.87 -7.21
CA ARG A 107 57.41 2.92 -6.65
C ARG A 107 56.86 3.49 -5.34
N LEU A 108 55.56 3.22 -5.08
CA LEU A 108 54.86 3.72 -3.89
C LEU A 108 54.79 2.69 -2.80
N ASP A 109 55.30 3.04 -1.61
CA ASP A 109 55.28 2.13 -0.45
C ASP A 109 54.14 2.48 0.53
N ALA A 110 53.96 1.66 1.61
CA ALA A 110 52.89 1.81 2.60
C ALA A 110 52.95 3.13 3.37
N SER A 111 54.17 3.70 3.52
CA SER A 111 54.47 4.98 4.16
C SER A 111 53.91 6.16 3.32
N ARG A 112 54.02 6.05 1.97
CA ARG A 112 53.53 7.07 1.04
C ARG A 112 52.00 7.05 0.99
N LEU A 113 51.38 5.84 1.00
CA LEU A 113 49.93 5.64 1.06
C LEU A 113 49.41 6.23 2.35
N LEU A 114 50.20 6.11 3.42
CA LEU A 114 49.85 6.66 4.72
C LEU A 114 49.87 8.20 4.66
N LEU A 115 50.79 8.79 3.86
CA LEU A 115 50.86 10.25 3.67
C LEU A 115 49.59 10.76 2.97
N TYR A 116 49.06 10.00 1.99
CA TYR A 116 47.86 10.34 1.23
C TYR A 116 46.67 10.23 2.14
N SER A 117 46.52 9.08 2.87
CA SER A 117 45.47 8.83 3.87
C SER A 117 45.41 10.00 4.85
N SER A 118 46.57 10.43 5.40
CA SER A 118 46.71 11.54 6.34
C SER A 118 46.29 12.90 5.73
N GLN A 119 46.59 13.13 4.46
CA GLN A 119 46.22 14.37 3.74
C GLN A 119 44.71 14.41 3.42
N ILE A 120 44.12 13.28 2.94
CA ILE A 120 42.69 13.20 2.68
C ILE A 120 41.96 13.42 4.03
N CYS A 121 42.44 12.76 5.09
CA CYS A 121 41.91 12.88 6.45
C CYS A 121 41.87 14.33 6.94
N LYS A 122 42.98 15.09 6.77
CA LYS A 122 43.08 16.50 7.15
C LYS A 122 42.14 17.36 6.32
N GLY A 123 41.89 16.88 5.10
CA GLY A 123 40.98 17.54 4.17
C GLY A 123 39.53 17.41 4.59
N MET A 124 39.15 16.20 4.98
CA MET A 124 37.84 15.78 5.44
C MET A 124 37.50 16.33 6.84
N GLU A 125 38.50 16.43 7.67
CA GLU A 125 38.38 17.02 9.01
C GLU A 125 37.99 18.49 8.84
N TYR A 126 38.69 19.24 7.94
CA TYR A 126 38.37 20.65 7.65
C TYR A 126 36.92 20.76 7.16
N LEU A 127 36.53 19.92 6.14
CA LEU A 127 35.19 19.83 5.57
C LEU A 127 34.11 19.75 6.68
N GLY A 128 34.31 18.85 7.64
CA GLY A 128 33.44 18.67 8.80
C GLY A 128 33.30 19.93 9.64
N SER A 129 34.43 20.62 9.96
CA SER A 129 34.42 21.89 10.71
C SER A 129 33.62 22.99 9.98
N ARG A 130 33.38 22.80 8.65
CA ARG A 130 32.62 23.69 7.78
C ARG A 130 31.20 23.19 7.59
N ARG A 131 30.85 22.12 8.34
CA ARG A 131 29.53 21.45 8.37
C ARG A 131 29.07 21.09 6.98
N CYS A 132 30.00 20.59 6.16
CA CYS A 132 29.79 20.15 4.77
C CYS A 132 30.03 18.64 4.70
N VAL A 133 29.21 17.94 3.92
CA VAL A 133 29.27 16.49 3.67
C VAL A 133 29.54 16.35 2.16
N HIS A 134 30.70 15.79 1.79
CA HIS A 134 31.12 15.58 0.40
C HIS A 134 30.18 14.63 -0.38
N ARG A 135 29.88 13.46 0.21
CA ARG A 135 28.96 12.42 -0.27
C ARG A 135 29.55 11.52 -1.36
N ASP A 136 30.62 11.96 -2.02
CA ASP A 136 31.26 11.17 -3.09
C ASP A 136 32.78 11.06 -2.86
N LEU A 137 33.16 10.74 -1.60
CA LEU A 137 34.54 10.55 -1.24
C LEU A 137 35.00 9.19 -1.71
N ALA A 138 35.78 9.16 -2.82
CA ALA A 138 36.32 7.96 -3.46
C ALA A 138 37.65 8.32 -4.12
N ALA A 139 38.55 7.36 -4.41
CA ALA A 139 39.82 7.67 -5.08
C ALA A 139 39.67 8.33 -6.49
N ARG A 140 38.55 8.02 -7.18
CA ARG A 140 38.24 8.62 -8.47
C ARG A 140 38.09 10.16 -8.39
N ASN A 141 37.71 10.72 -7.21
CA ASN A 141 37.54 12.16 -6.99
C ASN A 141 38.67 12.83 -6.19
N ILE A 142 39.77 12.08 -5.96
CA ILE A 142 40.97 12.59 -5.32
C ILE A 142 41.96 12.86 -6.45
N LEU A 143 42.62 14.03 -6.42
CA LEU A 143 43.61 14.41 -7.43
C LEU A 143 45.00 14.41 -6.83
N VAL A 144 46.03 14.35 -7.68
CA VAL A 144 47.44 14.38 -7.30
C VAL A 144 48.08 15.72 -7.69
N GLU A 145 48.65 16.45 -6.69
CA GLU A 145 49.41 17.67 -6.93
C GLU A 145 50.82 17.21 -7.41
N SER A 146 51.50 16.42 -6.57
CA SER A 146 52.82 15.82 -6.81
C SER A 146 52.81 14.50 -6.04
N GLU A 147 53.84 13.67 -6.22
CA GLU A 147 54.00 12.37 -5.53
C GLU A 147 53.97 12.49 -3.99
N ALA A 148 53.93 13.73 -3.43
CA ALA A 148 53.90 13.97 -1.98
C ALA A 148 52.77 14.91 -1.53
N HIS A 149 51.73 15.10 -2.37
CA HIS A 149 50.58 15.98 -2.06
C HIS A 149 49.32 15.62 -2.90
N VAL A 150 48.21 15.32 -2.22
CA VAL A 150 46.91 15.01 -2.82
C VAL A 150 45.87 16.03 -2.34
N LYS A 151 44.85 16.31 -3.18
CA LYS A 151 43.75 17.23 -2.91
C LYS A 151 42.40 16.59 -3.29
N ILE A 152 41.35 16.88 -2.50
CA ILE A 152 40.00 16.36 -2.69
C ILE A 152 39.31 17.23 -3.72
N ALA A 153 38.57 16.61 -4.67
CA ALA A 153 37.83 17.30 -5.73
C ALA A 153 36.36 16.82 -5.84
N ASP A 154 35.59 17.37 -6.83
CA ASP A 154 34.19 17.08 -7.14
C ASP A 154 33.25 17.29 -5.96
N PHE A 155 32.80 18.53 -5.78
CA PHE A 155 31.84 18.88 -4.74
C PHE A 155 30.44 18.96 -5.36
N GLY A 156 30.29 18.23 -6.48
CA GLY A 156 29.07 18.11 -7.27
C GLY A 156 27.89 17.55 -6.51
N LEU A 157 28.17 16.60 -5.57
CA LEU A 157 27.19 15.95 -4.70
C LEU A 157 27.21 16.49 -3.27
N ALA A 158 28.16 17.39 -2.96
CA ALA A 158 28.32 17.94 -1.62
C ALA A 158 27.09 18.69 -1.12
N LYS A 159 26.76 18.46 0.17
CA LYS A 159 25.62 19.08 0.84
C LYS A 159 26.05 19.72 2.14
N LEU A 160 25.53 20.91 2.45
CA LEU A 160 25.80 21.57 3.73
C LEU A 160 24.78 21.06 4.72
N LEU A 161 25.23 20.78 5.95
CA LEU A 161 24.38 20.32 7.03
C LEU A 161 23.48 21.45 7.51
N PRO A 162 22.17 21.18 7.78
CA PRO A 162 21.29 22.23 8.31
C PRO A 162 21.88 22.86 9.57
N LEU A 163 21.69 24.17 9.76
CA LEU A 163 22.23 24.91 10.91
C LEU A 163 21.86 24.32 12.29
N ASP A 164 20.77 23.52 12.35
CA ASP A 164 20.31 22.90 13.60
C ASP A 164 20.52 21.38 13.64
N LYS A 165 20.86 20.74 12.51
CA LYS A 165 20.97 19.27 12.45
C LYS A 165 22.36 18.78 12.06
N ASP A 166 22.68 17.54 12.46
CA ASP A 166 23.96 16.89 12.19
C ASP A 166 23.90 15.87 11.04
N PTR A 167 22.70 15.69 10.49
CA PTR A 167 22.46 14.77 9.38
C PTR A 167 21.69 15.51 8.27
O PTR A 167 21.24 16.63 8.46
CB PTR A 167 21.70 13.52 9.89
CG PTR A 167 20.32 13.80 10.44
CD1 PTR A 167 20.14 14.13 11.78
CD2 PTR A 167 19.21 13.74 9.61
CE1 PTR A 167 18.88 14.41 12.28
CE2 PTR A 167 17.94 14.00 10.11
CZ PTR A 167 17.77 14.36 11.43
OH PTR A 167 16.47 14.62 11.96
P PTR A 167 15.18 15.00 11.09
O1P PTR A 167 15.41 16.41 10.58
O2P PTR A 167 14.91 14.01 9.98
O3P PTR A 167 14.03 15.05 12.07
N PTR A 168 21.56 14.87 7.11
CA PTR A 168 20.85 15.39 5.98
C PTR A 168 20.26 14.23 5.17
O PTR A 168 20.98 13.28 4.81
CB PTR A 168 21.80 16.23 5.12
CG PTR A 168 21.10 17.04 4.05
CD1 PTR A 168 20.25 18.09 4.40
CD2 PTR A 168 21.24 16.72 2.71
CE1 PTR A 168 19.57 18.81 3.42
CE2 PTR A 168 20.57 17.44 1.73
CZ PTR A 168 19.72 18.47 2.08
OH PTR A 168 19.05 19.29 1.14
P PTR A 168 18.59 18.93 -0.33
O1P PTR A 168 19.58 19.54 -1.25
O2P PTR A 168 18.61 17.45 -0.57
O3P PTR A 168 17.20 19.47 -0.55
N VAL A 169 18.95 14.29 4.92
CA VAL A 169 18.21 13.30 4.13
C VAL A 169 17.97 13.94 2.74
N VAL A 170 18.28 13.20 1.64
CA VAL A 170 18.16 13.72 0.28
C VAL A 170 17.16 12.89 -0.60
N SER A 176 23.51 6.92 -5.88
CA SER A 176 24.23 6.36 -7.02
C SER A 176 25.59 5.66 -6.62
N PRO A 177 26.65 6.33 -6.04
CA PRO A 177 27.87 5.58 -5.64
C PRO A 177 27.66 4.70 -4.38
N ILE A 178 26.86 3.63 -4.52
CA ILE A 178 26.42 2.78 -3.41
C ILE A 178 27.53 1.96 -2.77
N PHE A 179 28.60 1.67 -3.50
CA PHE A 179 29.68 0.84 -2.94
C PHE A 179 30.61 1.57 -1.96
N TRP A 180 30.43 2.90 -1.81
CA TRP A 180 31.13 3.80 -0.89
C TRP A 180 30.12 4.30 0.17
N TYR A 181 28.82 3.99 -0.01
CA TYR A 181 27.71 4.40 0.86
C TYR A 181 27.56 3.56 2.09
N ALA A 182 27.35 4.24 3.24
CA ALA A 182 27.11 3.67 4.56
C ALA A 182 25.73 3.03 4.60
N PRO A 183 25.47 2.08 5.55
CA PRO A 183 24.11 1.48 5.64
C PRO A 183 22.96 2.48 5.87
N GLU A 184 23.16 3.58 6.61
CA GLU A 184 22.07 4.55 6.81
C GLU A 184 21.83 5.32 5.53
N SER A 185 22.91 5.51 4.72
CA SER A 185 22.83 6.21 3.44
C SER A 185 22.01 5.36 2.51
N LEU A 186 22.35 4.05 2.48
CA LEU A 186 21.70 3.04 1.68
C LEU A 186 20.22 2.90 2.01
N SER A 187 19.88 2.70 3.30
CA SER A 187 18.51 2.45 3.75
C SER A 187 17.60 3.68 3.82
N ASP A 188 18.09 4.80 4.35
CA ASP A 188 17.23 5.95 4.58
C ASP A 188 17.67 7.26 3.98
N ASN A 189 18.73 7.22 3.12
CA ASN A 189 19.28 8.40 2.46
C ASN A 189 19.78 9.45 3.45
N ILE A 190 20.34 8.98 4.57
CA ILE A 190 20.92 9.84 5.59
C ILE A 190 22.42 9.98 5.34
N PHE A 191 22.87 11.24 5.29
CA PHE A 191 24.26 11.61 5.06
C PHE A 191 24.65 12.56 6.12
N SER A 192 25.86 12.35 6.63
CA SER A 192 26.46 13.14 7.71
C SER A 192 27.97 13.04 7.56
N ARG A 193 28.71 13.67 8.50
CA ARG A 193 30.17 13.56 8.55
C ARG A 193 30.59 12.11 8.77
N GLN A 194 29.80 11.36 9.54
CA GLN A 194 29.99 9.95 9.87
C GLN A 194 29.76 8.99 8.70
N SER A 195 28.95 9.41 7.70
CA SER A 195 28.74 8.63 6.48
C SER A 195 29.95 8.82 5.57
N ASP A 196 30.62 9.99 5.69
CA ASP A 196 31.88 10.29 4.98
C ASP A 196 33.05 9.53 5.65
N VAL A 197 32.88 9.15 6.95
CA VAL A 197 33.91 8.36 7.64
C VAL A 197 33.87 6.95 7.06
N TRP A 198 32.66 6.40 6.82
CA TRP A 198 32.44 5.11 6.16
C TRP A 198 33.08 5.17 4.78
N SER A 199 32.85 6.24 3.99
CA SER A 199 33.48 6.44 2.66
C SER A 199 35.01 6.48 2.78
N PHE A 200 35.54 7.16 3.81
CA PHE A 200 36.99 7.23 4.06
C PHE A 200 37.63 5.84 4.22
N GLY A 201 36.93 4.92 4.93
CA GLY A 201 37.30 3.51 5.12
C GLY A 201 37.42 2.76 3.81
N VAL A 202 36.53 3.03 2.85
CA VAL A 202 36.58 2.47 1.48
C VAL A 202 37.78 3.07 0.67
N VAL A 203 38.09 4.37 0.88
CA VAL A 203 39.20 5.08 0.25
C VAL A 203 40.51 4.40 0.72
N LEU A 204 40.64 4.13 2.04
CA LEU A 204 41.83 3.44 2.61
C LEU A 204 42.02 2.09 1.93
N TYR A 205 40.89 1.40 1.63
CA TYR A 205 40.89 0.11 0.94
C TYR A 205 41.47 0.29 -0.46
N GLU A 206 40.97 1.30 -1.21
CA GLU A 206 41.43 1.68 -2.54
C GLU A 206 42.95 2.01 -2.55
N LEU A 207 43.41 2.83 -1.58
CA LEU A 207 44.82 3.20 -1.45
C LEU A 207 45.71 1.97 -1.28
N PHE A 208 45.35 1.12 -0.31
CA PHE A 208 46.10 -0.07 0.05
C PHE A 208 45.97 -1.25 -0.94
N THR A 209 45.01 -1.19 -1.88
CA THR A 209 44.93 -2.20 -2.96
C THR A 209 45.56 -1.57 -4.21
N TYR A 210 46.07 -0.29 -4.10
CA TYR A 210 46.66 0.51 -5.18
C TYR A 210 45.67 0.67 -6.32
N CYS A 211 44.38 0.71 -5.97
CA CYS A 211 43.24 0.80 -6.89
C CYS A 211 43.18 -0.32 -7.93
N ASP A 212 43.70 -1.52 -7.60
CA ASP A 212 43.71 -2.72 -8.47
C ASP A 212 42.28 -3.00 -8.97
N LYS A 213 42.11 -3.05 -10.31
CA LYS A 213 40.80 -3.28 -10.94
C LYS A 213 40.18 -4.59 -10.49
N SER A 214 41.06 -5.57 -10.25
CA SER A 214 40.77 -6.93 -9.83
C SER A 214 39.98 -6.94 -8.50
N CYS A 215 40.48 -6.20 -7.48
CA CYS A 215 39.86 -6.13 -6.15
C CYS A 215 39.32 -4.76 -5.80
N SER A 216 38.61 -4.12 -6.76
CA SER A 216 38.04 -2.80 -6.54
C SER A 216 36.81 -2.94 -5.63
N PRO A 217 36.35 -1.87 -4.93
CA PRO A 217 35.17 -2.02 -4.05
C PRO A 217 33.90 -2.40 -4.80
N SER A 218 33.87 -2.03 -6.09
CA SER A 218 32.80 -2.32 -7.03
C SER A 218 32.82 -3.82 -7.39
N ALA A 219 33.99 -4.34 -7.90
CA ALA A 219 34.26 -5.73 -8.28
C ALA A 219 34.06 -6.72 -7.14
N GLU A 220 34.44 -6.31 -5.92
CA GLU A 220 34.37 -7.10 -4.69
C GLU A 220 32.95 -7.27 -4.15
N PHE A 221 32.14 -6.20 -4.04
CA PHE A 221 30.75 -6.28 -3.54
C PHE A 221 29.78 -7.03 -4.47
N LEU A 222 29.92 -6.86 -5.78
CA LEU A 222 29.10 -7.57 -6.78
C LEU A 222 29.24 -9.06 -6.56
N ARG A 223 30.50 -9.52 -6.30
CA ARG A 223 30.87 -10.91 -6.02
C ARG A 223 30.10 -11.41 -4.77
N MET A 224 30.07 -10.57 -3.72
CA MET A 224 29.41 -10.79 -2.44
C MET A 224 27.89 -10.81 -2.57
N MET A 225 27.32 -9.95 -3.43
CA MET A 225 25.88 -9.85 -3.64
C MET A 225 25.23 -11.12 -4.22
N GLY A 226 25.97 -11.89 -5.01
CA GLY A 226 25.49 -13.15 -5.56
C GLY A 226 24.85 -13.08 -6.93
N SER A 227 24.19 -14.21 -7.31
CA SER A 227 23.57 -14.47 -8.60
C SER A 227 22.06 -14.18 -8.66
N GLU A 228 21.57 -13.16 -7.92
CA GLU A 228 20.13 -12.84 -7.90
C GLU A 228 19.80 -11.41 -8.36
N ARG A 229 20.46 -10.92 -9.44
CA ARG A 229 20.41 -9.58 -10.04
C ARG A 229 19.05 -8.84 -10.01
N ASP A 230 17.90 -9.55 -10.05
CA ASP A 230 16.59 -8.89 -9.92
C ASP A 230 16.31 -8.38 -8.48
N VAL A 231 17.08 -8.86 -7.47
CA VAL A 231 16.98 -8.44 -6.08
C VAL A 231 17.72 -7.11 -6.03
N PRO A 232 17.04 -6.00 -5.66
CA PRO A 232 17.69 -4.68 -5.79
C PRO A 232 19.02 -4.60 -5.07
N ALA A 233 20.01 -3.97 -5.71
CA ALA A 233 21.36 -3.80 -5.18
C ALA A 233 21.34 -3.19 -3.79
N LEU A 234 20.55 -2.11 -3.60
CA LEU A 234 20.37 -1.37 -2.33
C LEU A 234 19.90 -2.33 -1.23
N SER A 235 19.05 -3.33 -1.60
CA SER A 235 18.52 -4.34 -0.68
C SER A 235 19.57 -5.41 -0.35
N ARG A 236 20.21 -6.02 -1.39
CA ARG A 236 21.25 -7.06 -1.23
C ARG A 236 22.49 -6.53 -0.53
N LEU A 237 22.87 -5.25 -0.76
CA LEU A 237 24.05 -4.64 -0.16
C LEU A 237 23.85 -4.36 1.31
N LEU A 238 22.64 -3.88 1.69
CA LEU A 238 22.26 -3.56 3.08
C LEU A 238 22.19 -4.82 3.96
N GLU A 239 21.71 -5.94 3.35
CA GLU A 239 21.55 -7.26 3.97
C GLU A 239 22.92 -7.80 4.34
N LEU A 240 23.89 -7.64 3.42
CA LEU A 240 25.30 -8.00 3.52
C LEU A 240 25.99 -7.19 4.62
N LEU A 241 25.82 -5.84 4.61
CA LEU A 241 26.43 -4.94 5.61
C LEU A 241 25.78 -5.06 7.00
N GLU A 242 24.52 -5.55 7.07
CA GLU A 242 23.86 -5.79 8.36
C GLU A 242 24.43 -7.06 8.98
N GLU A 243 24.76 -8.09 8.13
CA GLU A 243 25.37 -9.37 8.51
C GLU A 243 26.76 -9.15 9.10
N GLY A 244 27.46 -8.14 8.59
CA GLY A 244 28.79 -7.78 9.05
C GLY A 244 29.83 -8.10 8.01
N GLN A 245 29.37 -8.40 6.80
CA GLN A 245 30.26 -8.71 5.69
C GLN A 245 30.88 -7.41 5.19
N ARG A 246 32.21 -7.42 4.99
CA ARG A 246 32.98 -6.25 4.59
C ARG A 246 33.92 -6.58 3.47
N LEU A 247 34.56 -5.52 2.94
CA LEU A 247 35.60 -5.62 1.95
C LEU A 247 36.79 -6.31 2.65
N PRO A 248 37.46 -7.29 2.02
CA PRO A 248 38.57 -7.99 2.69
C PRO A 248 39.77 -7.11 3.04
N ALA A 249 40.69 -7.63 3.85
CA ALA A 249 41.92 -6.94 4.19
C ALA A 249 42.78 -6.90 2.92
N PRO A 250 43.18 -5.71 2.41
CA PRO A 250 43.99 -5.66 1.17
C PRO A 250 45.27 -6.50 1.30
N PRO A 251 45.76 -7.14 0.20
CA PRO A 251 46.97 -7.96 0.35
C PRO A 251 48.16 -7.13 0.78
N ALA A 252 48.93 -7.63 1.78
CA ALA A 252 50.12 -7.00 2.38
C ALA A 252 49.83 -5.70 3.16
N CYS A 253 48.54 -5.30 3.29
CA CYS A 253 48.13 -4.10 4.02
C CYS A 253 48.54 -4.18 5.50
N PRO A 254 49.17 -3.11 6.04
CA PRO A 254 49.52 -3.11 7.48
C PRO A 254 48.27 -3.36 8.33
N ALA A 255 48.31 -4.41 9.18
CA ALA A 255 47.18 -4.81 10.05
C ALA A 255 46.59 -3.67 10.87
N GLU A 256 47.44 -2.68 11.23
CA GLU A 256 47.10 -1.45 11.99
C GLU A 256 46.15 -0.54 11.18
N VAL A 257 46.29 -0.56 9.83
CA VAL A 257 45.50 0.20 8.88
C VAL A 257 44.17 -0.52 8.67
N HIS A 258 44.21 -1.85 8.37
CA HIS A 258 42.99 -2.63 8.18
C HIS A 258 42.11 -2.62 9.44
N GLU A 259 42.70 -2.30 10.60
CA GLU A 259 41.91 -2.16 11.83
C GLU A 259 41.16 -0.83 11.82
N LEU A 260 41.80 0.26 11.27
CA LEU A 260 41.19 1.59 11.17
C LEU A 260 40.06 1.60 10.16
N MET A 261 40.22 0.82 9.07
CA MET A 261 39.22 0.54 8.05
C MET A 261 37.96 -0.02 8.77
N LYS A 262 38.10 -1.13 9.53
CA LYS A 262 37.02 -1.78 10.28
C LYS A 262 36.26 -0.81 11.17
N LEU A 263 36.97 0.13 11.85
CA LEU A 263 36.32 1.15 12.70
C LEU A 263 35.46 2.12 11.91
N CYS A 264 35.93 2.54 10.69
CA CYS A 264 35.23 3.43 9.76
C CYS A 264 33.95 2.75 9.28
N TRP A 265 33.96 1.41 9.33
CA TRP A 265 32.87 0.53 8.93
C TRP A 265 31.99 0.03 10.10
N ALA A 266 31.95 0.76 11.25
CA ALA A 266 31.11 0.37 12.39
C ALA A 266 29.64 0.51 11.94
N PRO A 267 28.71 -0.42 12.32
CA PRO A 267 27.33 -0.34 11.75
C PRO A 267 26.57 0.93 12.09
N SER A 268 26.76 1.43 13.30
CA SER A 268 26.11 2.64 13.77
C SER A 268 27.04 3.84 13.52
N PRO A 269 26.51 4.98 12.99
CA PRO A 269 27.36 6.16 12.74
C PRO A 269 28.04 6.76 13.95
N GLN A 270 27.45 6.56 15.14
CA GLN A 270 27.95 7.09 16.41
C GLN A 270 29.22 6.37 16.90
N ASP A 271 29.50 5.14 16.38
CA ASP A 271 30.64 4.31 16.81
C ASP A 271 31.85 4.37 15.86
N ARG A 272 31.67 5.05 14.71
CA ARG A 272 32.73 5.28 13.72
C ARG A 272 33.61 6.40 14.32
N PRO A 273 34.94 6.33 14.16
CA PRO A 273 35.76 7.42 14.69
C PRO A 273 35.56 8.69 13.89
N SER A 274 35.86 9.86 14.50
CA SER A 274 35.77 11.12 13.80
C SER A 274 37.07 11.30 12.97
N PHE A 275 37.08 12.25 12.00
CA PHE A 275 38.31 12.52 11.24
C PHE A 275 39.38 13.11 12.16
N SER A 276 38.95 13.88 13.17
CA SER A 276 39.78 14.48 14.17
C SER A 276 40.51 13.40 14.96
N ALA A 277 39.83 12.23 15.19
CA ALA A 277 40.38 11.07 15.91
C ALA A 277 41.27 10.23 15.02
N LEU A 278 40.89 10.05 13.76
CA LEU A 278 41.61 9.24 12.75
C LEU A 278 42.95 9.83 12.42
N GLY A 279 42.99 11.16 12.27
CA GLY A 279 44.18 11.93 11.93
C GLY A 279 45.44 11.53 12.66
N PRO A 280 45.48 11.64 14.01
CA PRO A 280 46.68 11.22 14.75
C PRO A 280 46.98 9.74 14.59
N GLN A 281 45.95 8.86 14.59
CA GLN A 281 46.07 7.41 14.45
C GLN A 281 46.78 7.03 13.17
N LEU A 282 46.54 7.80 12.09
CA LEU A 282 47.18 7.62 10.79
C LEU A 282 48.61 8.12 10.91
N ASP A 283 48.79 9.38 11.33
CA ASP A 283 50.08 10.07 11.46
C ASP A 283 51.10 9.36 12.37
N MET A 284 50.62 8.67 13.40
CA MET A 284 51.44 8.00 14.39
C MET A 284 51.68 6.49 14.08
N LEU A 285 51.67 6.11 12.79
CA LEU A 285 52.00 4.74 12.40
C LEU A 285 53.37 4.77 11.70
N ILE B 3 10.23 -35.96 -7.91
CA ILE B 3 11.13 -34.92 -7.38
C ILE B 3 11.61 -34.02 -8.53
N PHE B 4 11.60 -32.69 -8.29
CA PHE B 4 11.99 -31.65 -9.25
C PHE B 4 13.48 -31.52 -9.09
N GLU B 5 14.23 -31.97 -10.11
CA GLU B 5 15.69 -31.94 -10.01
C GLU B 5 16.18 -30.51 -10.02
N GLU B 6 17.03 -30.15 -9.05
CA GLU B 6 17.62 -28.83 -8.87
C GLU B 6 18.15 -28.23 -10.19
N ARG B 7 18.90 -29.03 -10.99
CA ARG B 7 19.46 -28.61 -12.27
C ARG B 7 18.39 -28.21 -13.32
N HIS B 8 17.13 -28.64 -13.11
CA HIS B 8 16.00 -28.36 -14.01
C HIS B 8 15.17 -27.15 -13.58
N LEU B 9 15.33 -26.69 -12.32
CA LEU B 9 14.64 -25.53 -11.76
C LEU B 9 15.43 -24.28 -12.08
N LYS B 10 15.10 -23.68 -13.21
CA LYS B 10 15.77 -22.49 -13.75
C LYS B 10 15.17 -21.22 -13.16
N TYR B 11 15.95 -20.51 -12.31
CA TYR B 11 15.56 -19.27 -11.62
C TYR B 11 15.27 -18.15 -12.56
N ILE B 12 14.25 -17.37 -12.20
CA ILE B 12 13.82 -16.21 -12.96
C ILE B 12 13.85 -14.95 -12.08
N SER B 13 13.03 -14.91 -11.02
CA SER B 13 12.92 -13.74 -10.16
C SER B 13 12.40 -14.09 -8.77
N GLN B 14 12.39 -13.10 -7.87
CA GLN B 14 11.89 -13.23 -6.50
C GLN B 14 10.42 -12.86 -6.45
N LEU B 15 9.66 -13.63 -5.67
CA LEU B 15 8.22 -13.47 -5.49
C LEU B 15 7.90 -12.91 -4.14
N GLY B 16 8.80 -13.14 -3.18
CA GLY B 16 8.72 -12.66 -1.80
C GLY B 16 9.87 -13.10 -0.92
N LYS B 17 10.08 -12.40 0.21
CA LYS B 17 11.16 -12.68 1.17
C LYS B 17 10.74 -12.40 2.59
N GLY B 21 12.91 -17.68 5.37
CA GLY B 21 13.19 -18.00 3.97
C GLY B 21 12.65 -17.04 2.90
N SER B 22 12.44 -17.56 1.66
CA SER B 22 11.96 -16.79 0.50
C SER B 22 11.23 -17.66 -0.55
N VAL B 23 10.56 -16.99 -1.51
CA VAL B 23 9.84 -17.61 -2.63
C VAL B 23 10.34 -17.02 -3.94
N GLU B 24 10.68 -17.88 -4.90
CA GLU B 24 11.13 -17.44 -6.20
C GLU B 24 10.43 -18.14 -7.33
N LEU B 25 10.31 -17.44 -8.45
CA LEU B 25 9.72 -17.91 -9.71
C LEU B 25 10.83 -18.61 -10.47
N CYS B 26 10.58 -19.89 -10.87
CA CYS B 26 11.47 -20.74 -11.67
C CYS B 26 10.73 -21.40 -12.81
N ARG B 27 11.45 -21.76 -13.86
CA ARG B 27 10.90 -22.48 -14.98
C ARG B 27 11.40 -23.91 -14.82
N TYR B 28 10.49 -24.87 -14.67
CA TYR B 28 10.86 -26.29 -14.53
C TYR B 28 11.07 -26.82 -15.93
N ASP B 29 12.32 -26.89 -16.32
CA ASP B 29 12.77 -27.26 -17.66
C ASP B 29 13.57 -28.56 -17.67
N PRO B 30 12.91 -29.73 -17.62
CA PRO B 30 13.69 -30.99 -17.63
C PRO B 30 14.24 -31.38 -19.01
N LEU B 31 13.67 -30.84 -20.12
CA LEU B 31 14.11 -31.15 -21.48
C LEU B 31 15.21 -30.19 -21.97
N GLY B 32 15.47 -29.12 -21.22
CA GLY B 32 16.47 -28.09 -21.53
C GLY B 32 16.11 -27.25 -22.73
N ASP B 33 14.89 -27.48 -23.24
CA ASP B 33 14.15 -26.96 -24.39
C ASP B 33 13.67 -25.51 -24.24
N ASN B 34 13.71 -24.94 -23.00
CA ASN B 34 13.10 -23.68 -22.57
C ASN B 34 11.54 -23.71 -22.72
N THR B 35 11.00 -24.92 -22.87
CA THR B 35 9.60 -25.35 -23.06
C THR B 35 8.86 -25.48 -21.71
N GLY B 36 9.63 -25.49 -20.63
CA GLY B 36 9.16 -25.71 -19.26
C GLY B 36 8.11 -24.78 -18.71
N ALA B 37 7.41 -25.28 -17.68
CA ALA B 37 6.35 -24.58 -16.95
C ALA B 37 6.91 -23.71 -15.81
N LEU B 38 6.27 -22.58 -15.54
CA LEU B 38 6.64 -21.68 -14.45
C LEU B 38 6.03 -22.16 -13.17
N VAL B 39 6.88 -22.41 -12.18
CA VAL B 39 6.48 -22.83 -10.83
C VAL B 39 6.98 -21.84 -9.77
N ALA B 40 6.29 -21.77 -8.61
CA ALA B 40 6.75 -20.98 -7.47
C ALA B 40 7.56 -21.98 -6.57
N VAL B 41 8.75 -21.57 -6.12
CA VAL B 41 9.61 -22.45 -5.31
C VAL B 41 9.94 -21.76 -3.97
N LYS B 42 9.57 -22.43 -2.85
CA LYS B 42 9.82 -21.95 -1.48
C LYS B 42 11.06 -22.61 -0.88
N GLN B 43 11.92 -21.79 -0.26
CA GLN B 43 13.19 -22.22 0.35
C GLN B 43 13.39 -21.53 1.67
N LEU B 44 14.21 -22.13 2.55
CA LEU B 44 14.60 -21.47 3.80
C LEU B 44 16.01 -20.88 3.68
N GLN B 45 16.18 -19.64 4.16
CA GLN B 45 17.46 -18.92 4.14
C GLN B 45 17.74 -18.43 5.56
N HIS B 46 18.97 -18.70 6.09
CA HIS B 46 19.43 -18.34 7.47
C HIS B 46 18.43 -18.91 8.52
N SER B 47 18.13 -20.20 8.37
CA SER B 47 17.16 -20.92 9.20
C SER B 47 17.85 -21.71 10.30
N GLY B 48 17.30 -21.59 11.50
CA GLY B 48 17.72 -22.37 12.65
C GLY B 48 17.13 -23.76 12.52
N PRO B 49 17.13 -24.57 13.60
CA PRO B 49 16.58 -25.93 13.45
C PRO B 49 15.05 -25.98 13.42
N ASP B 50 14.39 -25.05 14.14
CA ASP B 50 12.94 -24.94 14.32
C ASP B 50 12.16 -24.66 13.05
N GLN B 51 12.78 -23.88 12.13
CA GLN B 51 12.18 -23.51 10.87
C GLN B 51 12.22 -24.68 9.89
N GLN B 52 13.28 -25.53 9.96
CA GLN B 52 13.44 -26.72 9.12
C GLN B 52 12.31 -27.72 9.43
N ARG B 53 11.95 -27.87 10.73
CA ARG B 53 10.86 -28.73 11.25
C ARG B 53 9.50 -28.17 10.78
N ASP B 54 9.27 -26.85 10.96
CA ASP B 54 8.07 -26.15 10.50
C ASP B 54 7.86 -26.24 8.96
N PHE B 55 8.96 -26.13 8.19
CA PHE B 55 8.95 -26.21 6.73
C PHE B 55 8.63 -27.62 6.28
N GLN B 56 9.19 -28.57 6.97
CA GLN B 56 8.98 -29.98 6.75
C GLN B 56 7.49 -30.28 7.01
N ARG B 57 6.89 -29.71 8.11
CA ARG B 57 5.45 -29.83 8.46
C ARG B 57 4.58 -29.19 7.36
N GLU B 58 4.83 -27.91 6.99
CA GLU B 58 4.15 -27.12 5.95
C GLU B 58 4.00 -27.85 4.61
N ILE B 59 5.07 -28.59 4.20
CA ILE B 59 5.10 -29.35 2.94
C ILE B 59 4.04 -30.45 2.94
N GLN B 60 3.95 -31.20 4.05
CA GLN B 60 3.00 -32.30 4.16
C GLN B 60 1.57 -31.82 4.21
N ILE B 61 1.32 -30.62 4.78
CA ILE B 61 -0.02 -30.02 4.89
C ILE B 61 -0.56 -29.60 3.51
N LEU B 62 0.25 -28.85 2.76
CA LEU B 62 -0.09 -28.36 1.42
C LEU B 62 -0.24 -29.52 0.45
N LYS B 63 0.65 -30.53 0.57
CA LYS B 63 0.63 -31.76 -0.24
C LYS B 63 -0.73 -32.48 -0.12
N ALA B 64 -1.30 -32.45 1.10
CA ALA B 64 -2.55 -33.07 1.49
C ALA B 64 -3.82 -32.28 1.18
N LEU B 65 -3.76 -30.98 0.99
CA LEU B 65 -4.90 -30.11 0.72
C LEU B 65 -5.25 -30.09 -0.77
N HIS B 66 -6.55 -30.13 -1.09
CA HIS B 66 -7.07 -30.17 -2.46
C HIS B 66 -8.30 -29.30 -2.61
N SER B 67 -8.10 -27.98 -2.64
CA SER B 67 -9.16 -27.00 -2.88
C SER B 67 -8.76 -26.15 -4.08
N ASP B 68 -9.77 -25.70 -4.86
CA ASP B 68 -9.54 -24.79 -6.00
C ASP B 68 -9.14 -23.40 -5.46
N PHE B 69 -9.24 -23.22 -4.11
CA PHE B 69 -9.01 -21.95 -3.45
C PHE B 69 -7.83 -21.96 -2.50
N ILE B 70 -6.94 -22.94 -2.68
CA ILE B 70 -5.70 -23.12 -1.93
C ILE B 70 -4.63 -23.44 -2.99
N VAL B 71 -3.46 -22.79 -2.89
CA VAL B 71 -2.38 -23.00 -3.84
C VAL B 71 -2.00 -24.48 -3.97
N LYS B 72 -1.79 -24.95 -5.20
CA LYS B 72 -1.44 -26.35 -5.46
C LYS B 72 0.02 -26.66 -5.13
N TYR B 73 0.23 -27.80 -4.46
CA TYR B 73 1.55 -28.36 -4.18
C TYR B 73 1.94 -29.07 -5.51
N ARG B 74 3.21 -28.98 -5.92
CA ARG B 74 3.71 -29.62 -7.12
C ARG B 74 4.74 -30.72 -6.79
N GLY B 75 5.59 -30.44 -5.84
CA GLY B 75 6.61 -31.41 -5.43
C GLY B 75 7.64 -30.78 -4.54
N VAL B 76 8.76 -31.47 -4.38
CA VAL B 76 9.91 -30.98 -3.61
C VAL B 76 11.16 -31.10 -4.43
N SER B 77 12.20 -30.38 -4.03
CA SER B 77 13.49 -30.43 -4.70
C SER B 77 14.54 -30.71 -3.65
N TYR B 78 15.65 -31.37 -4.02
CA TYR B 78 16.72 -31.68 -3.07
C TYR B 78 18.01 -30.94 -3.38
N LEU B 85 16.17 -28.68 1.13
CA LEU B 85 14.76 -28.87 0.84
C LEU B 85 14.08 -27.61 0.27
N ARG B 86 13.42 -27.81 -0.88
CA ARG B 86 12.71 -26.77 -1.63
C ARG B 86 11.29 -27.26 -1.93
N LEU B 87 10.29 -26.45 -1.58
CA LEU B 87 8.87 -26.78 -1.81
C LEU B 87 8.46 -26.17 -3.16
N VAL B 88 8.13 -27.02 -4.14
CA VAL B 88 7.71 -26.59 -5.46
C VAL B 88 6.17 -26.54 -5.46
N MET B 89 5.58 -25.41 -5.96
CA MET B 89 4.13 -25.12 -6.01
C MET B 89 3.73 -24.47 -7.32
N GLU B 90 2.41 -24.25 -7.50
CA GLU B 90 1.92 -23.59 -8.69
C GLU B 90 2.20 -22.10 -8.62
N TYR B 91 2.31 -21.47 -9.78
CA TYR B 91 2.57 -20.05 -9.88
C TYR B 91 1.30 -19.35 -10.29
N LEU B 92 0.94 -18.36 -9.48
CA LEU B 92 -0.20 -17.51 -9.70
C LEU B 92 0.43 -16.18 -10.16
N PRO B 93 0.18 -15.78 -11.42
CA PRO B 93 0.86 -14.57 -11.97
C PRO B 93 0.42 -13.19 -11.48
N SER B 94 -0.89 -12.99 -11.23
CA SER B 94 -1.41 -11.69 -10.82
C SER B 94 -0.92 -11.14 -9.43
N GLY B 95 -0.22 -11.95 -8.64
CA GLY B 95 0.34 -11.52 -7.36
C GLY B 95 -0.59 -11.59 -6.16
N CYS B 96 -0.24 -10.86 -5.08
CA CYS B 96 -1.10 -10.92 -3.90
C CYS B 96 -2.30 -9.96 -4.00
N LEU B 97 -3.36 -10.31 -3.27
CA LEU B 97 -4.64 -9.63 -3.27
C LEU B 97 -4.60 -8.20 -2.71
N ARG B 98 -3.74 -7.92 -1.72
CA ARG B 98 -3.59 -6.58 -1.13
C ARG B 98 -3.14 -5.56 -2.17
N ASP B 99 -2.10 -5.91 -2.97
CA ASP B 99 -1.60 -5.08 -4.08
C ASP B 99 -2.65 -4.92 -5.20
N PHE B 100 -3.28 -6.03 -5.65
CA PHE B 100 -4.31 -6.05 -6.72
C PHE B 100 -5.52 -5.17 -6.43
N LEU B 101 -6.03 -5.15 -5.17
CA LEU B 101 -7.18 -4.32 -4.75
C LEU B 101 -6.82 -2.84 -4.83
N GLN B 102 -5.63 -2.46 -4.37
CA GLN B 102 -5.11 -1.08 -4.41
C GLN B 102 -4.84 -0.62 -5.84
N ARG B 103 -4.29 -1.51 -6.68
CA ARG B 103 -3.95 -1.24 -8.07
C ARG B 103 -5.18 -1.11 -8.98
N HIS B 104 -6.22 -1.93 -8.76
CA HIS B 104 -7.40 -1.93 -9.61
C HIS B 104 -8.70 -1.49 -8.91
N ARG B 105 -8.59 -0.81 -7.76
CA ARG B 105 -9.69 -0.29 -6.92
C ARG B 105 -10.86 0.36 -7.69
N ALA B 106 -10.52 1.24 -8.66
CA ALA B 106 -11.46 1.98 -9.48
C ALA B 106 -12.25 1.13 -10.49
N ARG B 107 -11.71 -0.05 -10.86
CA ARG B 107 -12.33 -0.98 -11.83
C ARG B 107 -13.15 -2.09 -11.16
N LEU B 108 -12.93 -2.30 -9.85
CA LEU B 108 -13.57 -3.37 -9.09
C LEU B 108 -14.76 -2.87 -8.30
N ASP B 109 -15.90 -3.56 -8.47
CA ASP B 109 -17.14 -3.25 -7.73
C ASP B 109 -17.37 -4.23 -6.56
N ALA B 110 -18.41 -3.98 -5.73
CA ALA B 110 -18.76 -4.80 -4.56
C ALA B 110 -18.96 -6.29 -4.90
N SER B 111 -19.56 -6.56 -6.08
CA SER B 111 -19.89 -7.89 -6.61
C SER B 111 -18.65 -8.72 -6.81
N ARG B 112 -17.55 -8.06 -7.15
CA ARG B 112 -16.27 -8.73 -7.33
C ARG B 112 -15.68 -9.11 -5.96
N LEU B 113 -15.74 -8.18 -4.98
CA LEU B 113 -15.27 -8.40 -3.60
C LEU B 113 -16.09 -9.50 -2.96
N LEU B 114 -17.39 -9.57 -3.28
CA LEU B 114 -18.22 -10.62 -2.72
C LEU B 114 -17.78 -11.99 -3.27
N LEU B 115 -17.38 -12.05 -4.56
CA LEU B 115 -16.86 -13.27 -5.19
C LEU B 115 -15.62 -13.74 -4.45
N TYR B 116 -14.64 -12.82 -4.25
CA TYR B 116 -13.40 -13.08 -3.55
C TYR B 116 -13.69 -13.55 -2.15
N SER B 117 -14.56 -12.86 -1.38
CA SER B 117 -14.97 -13.26 -0.01
C SER B 117 -15.49 -14.70 -0.01
N SER B 118 -16.44 -15.01 -0.89
CA SER B 118 -17.03 -16.34 -1.08
C SER B 118 -15.98 -17.43 -1.41
N GLN B 119 -14.94 -17.09 -2.17
CA GLN B 119 -13.87 -18.03 -2.55
C GLN B 119 -12.92 -18.31 -1.37
N ILE B 120 -12.54 -17.24 -0.59
CA ILE B 120 -11.68 -17.39 0.57
C ILE B 120 -12.45 -18.26 1.58
N CYS B 121 -13.75 -17.94 1.77
CA CYS B 121 -14.67 -18.68 2.64
C CYS B 121 -14.70 -20.20 2.30
N LYS B 122 -14.87 -20.56 1.03
CA LYS B 122 -14.89 -21.94 0.55
C LYS B 122 -13.57 -22.63 0.80
N GLY B 123 -12.47 -21.89 0.69
CA GLY B 123 -11.14 -22.43 0.96
C GLY B 123 -10.90 -22.68 2.45
N MET B 124 -11.35 -21.75 3.31
CA MET B 124 -11.27 -21.83 4.77
C MET B 124 -12.20 -22.93 5.36
N GLU B 125 -13.35 -23.11 4.74
CA GLU B 125 -14.30 -24.16 5.08
C GLU B 125 -13.61 -25.52 4.82
N TYR B 126 -12.96 -25.69 3.65
CA TYR B 126 -12.24 -26.92 3.31
C TYR B 126 -11.14 -27.18 4.33
N LEU B 127 -10.30 -26.13 4.62
CA LEU B 127 -9.22 -26.15 5.61
C LEU B 127 -9.71 -26.72 6.95
N GLY B 128 -10.84 -26.22 7.45
CA GLY B 128 -11.50 -26.67 8.66
C GLY B 128 -11.85 -28.15 8.62
N SER B 129 -12.47 -28.63 7.52
CA SER B 129 -12.81 -30.06 7.34
C SER B 129 -11.57 -30.97 7.38
N ARG B 130 -10.38 -30.37 7.17
CA ARG B 130 -9.07 -31.03 7.21
C ARG B 130 -8.38 -30.81 8.56
N ARG B 131 -9.11 -30.22 9.52
CA ARG B 131 -8.70 -29.92 10.90
C ARG B 131 -7.40 -29.17 10.96
N CYS B 132 -7.24 -28.20 10.06
CA CYS B 132 -6.08 -27.34 9.90
C CYS B 132 -6.48 -25.89 10.23
N VAL B 133 -5.59 -25.17 10.92
CA VAL B 133 -5.77 -23.78 11.32
C VAL B 133 -4.64 -23.00 10.64
N HIS B 134 -4.97 -22.09 9.70
CA HIS B 134 -4.01 -21.30 8.94
C HIS B 134 -3.14 -20.38 9.82
N ARG B 135 -3.73 -19.68 10.83
CA ARG B 135 -3.06 -18.76 11.77
C ARG B 135 -2.70 -17.38 11.16
N ASP B 136 -2.58 -17.24 9.84
CA ASP B 136 -2.15 -15.99 9.21
C ASP B 136 -3.04 -15.61 8.01
N LEU B 137 -4.36 -15.71 8.21
CA LEU B 137 -5.31 -15.37 7.18
C LEU B 137 -5.45 -13.84 7.13
N ALA B 138 -4.84 -13.23 6.08
CA ALA B 138 -4.84 -11.79 5.82
C ALA B 138 -4.77 -11.57 4.32
N ALA B 139 -5.16 -10.40 3.78
CA ALA B 139 -5.06 -10.14 2.33
C ALA B 139 -3.63 -10.24 1.77
N ARG B 140 -2.61 -9.98 2.60
CA ARG B 140 -1.20 -10.12 2.21
C ARG B 140 -0.82 -11.58 1.82
N ASN B 141 -1.54 -12.59 2.36
CA ASN B 141 -1.32 -14.02 2.08
C ASN B 141 -2.37 -14.66 1.15
N ILE B 142 -3.23 -13.82 0.52
CA ILE B 142 -4.20 -14.25 -0.48
C ILE B 142 -3.57 -13.84 -1.81
N LEU B 143 -3.60 -14.76 -2.80
CA LEU B 143 -3.06 -14.51 -4.13
C LEU B 143 -4.19 -14.42 -5.14
N VAL B 144 -3.91 -13.79 -6.30
CA VAL B 144 -4.87 -13.63 -7.40
C VAL B 144 -4.48 -14.54 -8.56
N GLU B 145 -5.43 -15.44 -8.97
CA GLU B 145 -5.25 -16.25 -10.18
C GLU B 145 -5.56 -15.32 -11.39
N SER B 146 -6.78 -14.79 -11.41
CA SER B 146 -7.32 -13.88 -12.42
C SER B 146 -8.31 -12.99 -11.68
N GLU B 147 -8.82 -11.93 -12.32
CA GLU B 147 -9.79 -10.99 -11.73
C GLU B 147 -11.06 -11.67 -11.18
N ALA B 148 -11.25 -12.98 -11.43
CA ALA B 148 -12.44 -13.71 -10.99
C ALA B 148 -12.09 -15.02 -10.20
N HIS B 149 -10.86 -15.11 -9.63
CA HIS B 149 -10.41 -16.28 -8.89
C HIS B 149 -9.21 -15.95 -7.96
N VAL B 150 -9.39 -16.19 -6.66
CA VAL B 150 -8.36 -15.99 -5.63
C VAL B 150 -8.08 -17.35 -4.94
N LYS B 151 -6.83 -17.51 -4.45
CA LYS B 151 -6.35 -18.70 -3.74
C LYS B 151 -5.60 -18.29 -2.48
N ILE B 152 -5.76 -19.08 -1.41
CA ILE B 152 -5.12 -18.86 -0.10
C ILE B 152 -3.73 -19.41 -0.18
N ALA B 153 -2.73 -18.65 0.38
CA ALA B 153 -1.32 -19.04 0.40
C ALA B 153 -0.67 -18.91 1.80
N ASP B 154 0.65 -19.20 1.89
CA ASP B 154 1.50 -19.16 3.09
C ASP B 154 0.97 -20.01 4.25
N PHE B 155 1.32 -21.29 4.25
CA PHE B 155 0.93 -22.22 5.30
C PHE B 155 2.10 -22.37 6.28
N GLY B 156 2.96 -21.34 6.30
CA GLY B 156 4.15 -21.20 7.14
C GLY B 156 3.87 -21.25 8.63
N LEU B 157 2.71 -20.67 9.02
CA LEU B 157 2.21 -20.62 10.41
C LEU B 157 1.12 -21.65 10.70
N ALA B 158 0.65 -22.36 9.65
CA ALA B 158 -0.44 -23.32 9.78
C ALA B 158 -0.16 -24.44 10.76
N LYS B 159 -1.16 -24.78 11.57
CA LYS B 159 -1.08 -25.86 12.55
C LYS B 159 -2.22 -26.84 12.37
N LEU B 160 -1.94 -28.15 12.49
CA LEU B 160 -3.01 -29.15 12.48
C LEU B 160 -3.52 -29.30 13.90
N LEU B 161 -4.85 -29.38 14.04
CA LEU B 161 -5.52 -29.53 15.33
C LEU B 161 -5.25 -30.93 15.89
N PRO B 162 -4.94 -31.07 17.20
CA PRO B 162 -4.73 -32.40 17.78
C PRO B 162 -5.91 -33.33 17.48
N LEU B 163 -5.65 -34.62 17.26
CA LEU B 163 -6.69 -35.60 16.90
C LEU B 163 -7.87 -35.67 17.90
N ASP B 164 -7.68 -35.19 19.13
CA ASP B 164 -8.73 -35.19 20.16
C ASP B 164 -9.20 -33.79 20.56
N LYS B 165 -8.47 -32.74 20.10
CA LYS B 165 -8.79 -31.37 20.50
C LYS B 165 -9.23 -30.44 19.35
N ASP B 166 -10.08 -29.42 19.68
CA ASP B 166 -10.62 -28.46 18.72
C ASP B 166 -9.86 -27.11 18.76
N PTR B 167 -8.89 -27.01 19.67
CA PTR B 167 -8.06 -25.81 19.83
C PTR B 167 -6.60 -26.21 19.85
O PTR B 167 -6.27 -27.40 19.90
CB PTR B 167 -8.47 -25.03 21.11
CG PTR B 167 -8.27 -25.79 22.40
CD1 PTR B 167 -9.26 -26.64 22.90
CD2 PTR B 167 -7.08 -25.66 23.11
CE1 PTR B 167 -9.05 -27.37 24.05
CE2 PTR B 167 -6.87 -26.39 24.27
CZ PTR B 167 -7.86 -27.24 24.75
OH PTR B 167 -7.66 -27.96 25.96
P PTR B 167 -6.24 -28.33 26.60
O1P PTR B 167 -5.35 -27.10 26.79
O2P PTR B 167 -5.63 -29.40 25.72
O3P PTR B 167 -6.56 -29.00 27.93
N PTR B 168 -5.72 -25.22 19.80
CA PTR B 168 -4.28 -25.42 19.82
C PTR B 168 -3.63 -24.18 20.43
O PTR B 168 -3.88 -23.05 20.02
CB PTR B 168 -3.76 -25.68 18.39
CG PTR B 168 -2.34 -26.17 18.34
CD1 PTR B 168 -2.01 -27.42 18.85
CD2 PTR B 168 -1.33 -25.36 17.86
CE1 PTR B 168 -0.69 -27.86 18.86
CE2 PTR B 168 -0.01 -25.80 17.85
CZ PTR B 168 0.31 -27.04 18.36
OH PTR B 168 1.62 -27.58 18.37
P PTR B 168 3.02 -26.82 18.38
O1P PTR B 168 2.85 -25.37 18.72
O2P PTR B 168 3.93 -27.49 19.37
O3P PTR B 168 3.49 -26.92 16.95
N VAL B 169 -2.79 -24.41 21.45
CA VAL B 169 -2.04 -23.37 22.16
C VAL B 169 -0.61 -23.36 21.60
N VAL B 170 -0.13 -22.15 21.22
CA VAL B 170 1.20 -21.86 20.67
C VAL B 170 1.57 -20.39 20.97
CA SER B 176 3.93 -12.46 13.65
C SER B 176 2.90 -11.31 13.54
N PRO B 177 1.59 -11.60 13.24
CA PRO B 177 0.58 -10.53 13.10
C PRO B 177 -0.30 -10.26 14.35
N ILE B 178 -0.69 -8.98 14.66
CA ILE B 178 -1.51 -8.83 15.87
C ILE B 178 -2.88 -8.18 15.62
N PHE B 179 -3.07 -7.51 14.49
CA PHE B 179 -4.34 -6.85 14.14
C PHE B 179 -5.38 -7.80 13.49
N TRP B 180 -4.96 -9.05 13.22
CA TRP B 180 -5.78 -10.11 12.64
C TRP B 180 -6.09 -11.22 13.68
N TYR B 181 -5.41 -11.15 14.84
CA TYR B 181 -5.53 -12.12 15.93
C TYR B 181 -6.76 -11.88 16.79
N ALA B 182 -7.49 -12.98 17.10
CA ALA B 182 -8.67 -12.99 17.97
C ALA B 182 -8.23 -12.68 19.41
N PRO B 183 -9.14 -12.27 20.33
CA PRO B 183 -8.71 -11.95 21.71
C PRO B 183 -8.04 -13.11 22.43
N GLU B 184 -8.61 -14.33 22.27
CA GLU B 184 -8.09 -15.56 22.88
C GLU B 184 -6.69 -15.94 22.38
N SER B 185 -6.31 -15.46 21.16
CA SER B 185 -4.99 -15.70 20.58
C SER B 185 -3.97 -14.74 21.24
N LEU B 186 -4.37 -13.47 21.37
CA LEU B 186 -3.57 -12.45 22.01
C LEU B 186 -3.37 -12.74 23.51
N SER B 187 -4.46 -13.12 24.22
CA SER B 187 -4.44 -13.37 25.67
C SER B 187 -3.86 -14.71 26.10
N ASP B 188 -4.25 -15.82 25.42
CA ASP B 188 -3.83 -17.15 25.84
C ASP B 188 -3.21 -17.98 24.76
N ASN B 189 -2.95 -17.40 23.58
CA ASN B 189 -2.34 -18.06 22.42
C ASN B 189 -3.14 -19.30 21.96
N ILE B 190 -4.47 -19.17 22.01
CA ILE B 190 -5.37 -20.23 21.57
C ILE B 190 -5.76 -19.95 20.14
N PHE B 191 -5.65 -20.97 19.30
CA PHE B 191 -5.96 -20.92 17.88
C PHE B 191 -6.81 -22.10 17.57
N SER B 192 -7.84 -21.85 16.78
CA SER B 192 -8.83 -22.83 16.36
C SER B 192 -9.39 -22.35 15.03
N ARG B 193 -10.35 -23.10 14.48
CA ARG B 193 -11.07 -22.72 13.26
C ARG B 193 -11.82 -21.38 13.52
N GLN B 194 -12.29 -21.16 14.79
CA GLN B 194 -13.03 -19.98 15.24
C GLN B 194 -12.14 -18.74 15.37
N SER B 195 -10.84 -18.97 15.55
CA SER B 195 -9.83 -17.91 15.62
C SER B 195 -9.63 -17.40 14.17
N ASP B 196 -9.66 -18.33 13.17
CA ASP B 196 -9.55 -18.06 11.73
C ASP B 196 -10.82 -17.38 11.20
N VAL B 197 -11.96 -17.58 11.89
CA VAL B 197 -13.24 -16.92 11.55
C VAL B 197 -13.05 -15.43 11.88
N TRP B 198 -12.45 -15.12 13.07
CA TRP B 198 -12.10 -13.77 13.51
C TRP B 198 -11.17 -13.15 12.45
N SER B 199 -10.13 -13.91 12.02
CA SER B 199 -9.14 -13.49 11.00
C SER B 199 -9.81 -13.14 9.66
N PHE B 200 -10.82 -13.93 9.23
CA PHE B 200 -11.59 -13.70 8.00
C PHE B 200 -12.45 -12.45 8.09
N GLY B 201 -12.92 -12.11 9.30
CA GLY B 201 -13.69 -10.90 9.55
C GLY B 201 -12.88 -9.71 9.08
N VAL B 202 -11.62 -9.66 9.54
CA VAL B 202 -10.61 -8.65 9.21
C VAL B 202 -10.30 -8.63 7.68
N VAL B 203 -10.27 -9.80 7.03
CA VAL B 203 -10.07 -9.95 5.58
C VAL B 203 -11.23 -9.23 4.85
N LEU B 204 -12.51 -9.46 5.28
CA LEU B 204 -13.69 -8.79 4.70
C LEU B 204 -13.56 -7.27 4.76
N TYR B 205 -13.08 -6.74 5.89
CA TYR B 205 -12.81 -5.31 6.13
C TYR B 205 -11.73 -4.84 5.10
N GLU B 206 -10.61 -5.61 4.94
CA GLU B 206 -9.54 -5.34 3.93
C GLU B 206 -10.13 -5.29 2.49
N LEU B 207 -10.95 -6.29 2.11
CA LEU B 207 -11.58 -6.36 0.81
C LEU B 207 -12.42 -5.11 0.51
N PHE B 208 -13.30 -4.78 1.45
CA PHE B 208 -14.25 -3.68 1.33
C PHE B 208 -13.63 -2.28 1.53
N THR B 209 -12.38 -2.19 2.05
CA THR B 209 -11.66 -0.93 2.10
C THR B 209 -10.68 -0.89 0.93
N TYR B 210 -10.68 -1.96 0.07
CA TYR B 210 -9.80 -2.16 -1.09
C TYR B 210 -8.36 -2.09 -0.66
N CYS B 211 -8.07 -2.54 0.56
CA CYS B 211 -6.77 -2.52 1.22
C CYS B 211 -6.12 -1.12 1.29
N ASP B 212 -6.94 -0.05 1.38
CA ASP B 212 -6.51 1.35 1.48
C ASP B 212 -5.54 1.49 2.65
N LYS B 213 -4.32 2.02 2.41
CA LYS B 213 -3.29 2.16 3.45
C LYS B 213 -3.77 3.09 4.56
N SER B 214 -4.62 4.04 4.18
CA SER B 214 -5.23 5.06 5.02
C SER B 214 -6.07 4.43 6.16
N CYS B 215 -6.94 3.48 5.82
CA CYS B 215 -7.81 2.79 6.77
C CYS B 215 -7.49 1.28 6.88
N SER B 216 -6.19 0.94 6.94
CA SER B 216 -5.67 -0.43 7.08
C SER B 216 -6.06 -0.97 8.48
N PRO B 217 -6.22 -2.31 8.74
CA PRO B 217 -6.51 -2.76 10.12
C PRO B 217 -5.42 -2.35 11.10
N SER B 218 -4.19 -2.14 10.59
CA SER B 218 -3.01 -1.67 11.34
C SER B 218 -3.23 -0.20 11.72
N ALA B 219 -3.34 0.66 10.70
CA ALA B 219 -3.52 2.11 10.80
C ALA B 219 -4.72 2.50 11.66
N GLU B 220 -5.81 1.71 11.59
CA GLU B 220 -7.04 1.92 12.34
C GLU B 220 -6.93 1.57 13.83
N PHE B 221 -6.37 0.38 14.19
CA PHE B 221 -6.22 -0.03 15.60
C PHE B 221 -5.17 0.78 16.32
N LEU B 222 -4.08 1.18 15.62
CA LEU B 222 -3.00 2.02 16.17
C LEU B 222 -3.48 3.44 16.49
N ARG B 223 -4.64 3.84 15.95
CA ARG B 223 -5.30 5.11 16.21
C ARG B 223 -6.12 4.94 17.49
N MET B 224 -6.89 3.83 17.59
CA MET B 224 -7.74 3.51 18.73
C MET B 224 -6.90 3.31 19.97
N MET B 225 -5.78 2.58 19.84
CA MET B 225 -4.79 2.29 20.90
C MET B 225 -4.12 3.58 21.35
N GLY B 226 -3.74 4.41 20.37
CA GLY B 226 -3.06 5.69 20.54
C GLY B 226 -3.74 6.75 21.38
N SER B 227 -5.06 6.56 21.68
CA SER B 227 -5.82 7.48 22.55
C SER B 227 -5.33 7.36 24.02
N GLU B 228 -4.46 6.34 24.31
CA GLU B 228 -3.86 6.04 25.62
C GLU B 228 -2.45 5.42 25.45
N ARG B 229 -1.41 6.25 25.14
CA ARG B 229 -0.01 5.79 24.97
C ARG B 229 0.71 5.68 26.37
N ASP B 230 0.73 4.46 26.97
CA ASP B 230 1.30 4.23 28.31
C ASP B 230 1.42 2.71 28.71
N VAL B 231 1.15 1.78 27.80
CA VAL B 231 1.09 0.35 28.08
C VAL B 231 1.42 -0.47 26.77
N PRO B 232 1.98 -1.71 26.87
CA PRO B 232 2.31 -2.51 25.64
C PRO B 232 1.15 -2.65 24.65
N ALA B 233 1.45 -2.64 23.34
CA ALA B 233 0.46 -2.73 22.27
C ALA B 233 -0.49 -3.92 22.43
N LEU B 234 0.06 -5.11 22.74
CA LEU B 234 -0.69 -6.33 22.99
C LEU B 234 -1.68 -6.17 24.16
N SER B 235 -1.32 -5.35 25.15
CA SER B 235 -2.16 -5.05 26.31
C SER B 235 -3.26 -4.04 25.94
N ARG B 236 -2.90 -2.90 25.30
CA ARG B 236 -3.85 -1.86 24.86
C ARG B 236 -4.84 -2.36 23.79
N LEU B 237 -4.41 -3.28 22.91
CA LEU B 237 -5.27 -3.84 21.88
C LEU B 237 -6.30 -4.83 22.46
N LEU B 238 -5.89 -5.64 23.43
CA LEU B 238 -6.75 -6.62 24.10
C LEU B 238 -7.82 -5.95 24.95
N GLU B 239 -7.44 -4.81 25.60
CA GLU B 239 -8.29 -3.97 26.44
C GLU B 239 -9.41 -3.37 25.59
N LEU B 240 -9.06 -2.97 24.36
CA LEU B 240 -9.95 -2.39 23.37
C LEU B 240 -10.91 -3.40 22.78
N LEU B 241 -10.44 -4.64 22.58
CA LEU B 241 -11.27 -5.71 22.03
C LEU B 241 -12.19 -6.28 23.11
N GLU B 242 -11.75 -6.21 24.39
CA GLU B 242 -12.55 -6.67 25.51
C GLU B 242 -13.68 -5.68 25.78
N GLU B 243 -13.44 -4.36 25.52
CA GLU B 243 -14.43 -3.28 25.64
C GLU B 243 -15.56 -3.48 24.62
N GLY B 244 -15.21 -4.00 23.45
CA GLY B 244 -16.14 -4.27 22.36
C GLY B 244 -15.92 -3.32 21.20
N GLN B 245 -14.80 -2.60 21.25
CA GLN B 245 -14.46 -1.65 20.20
C GLN B 245 -13.92 -2.43 19.01
N ARG B 246 -14.39 -2.09 17.80
CA ARG B 246 -14.04 -2.82 16.58
C ARG B 246 -13.55 -1.91 15.49
N LEU B 247 -13.10 -2.51 14.37
CA LEU B 247 -12.73 -1.81 13.16
C LEU B 247 -14.06 -1.21 12.63
N PRO B 248 -14.09 0.08 12.22
CA PRO B 248 -15.35 0.67 11.74
C PRO B 248 -15.90 0.06 10.46
N ALA B 249 -17.12 0.46 10.09
CA ALA B 249 -17.73 -0.01 8.86
C ALA B 249 -16.94 0.62 7.69
N PRO B 250 -16.39 -0.17 6.74
CA PRO B 250 -15.67 0.43 5.59
C PRO B 250 -16.55 1.44 4.83
N PRO B 251 -15.98 2.52 4.24
CA PRO B 251 -16.82 3.48 3.51
C PRO B 251 -17.54 2.83 2.33
N ALA B 252 -18.85 3.10 2.21
CA ALA B 252 -19.75 2.58 1.17
C ALA B 252 -20.00 1.04 1.23
N CYS B 253 -19.42 0.35 2.24
CA CYS B 253 -19.58 -1.09 2.43
C CYS B 253 -21.05 -1.48 2.61
N PRO B 254 -21.54 -2.50 1.87
CA PRO B 254 -22.93 -2.97 2.07
C PRO B 254 -23.15 -3.35 3.54
N ALA B 255 -24.16 -2.73 4.17
CA ALA B 255 -24.53 -2.95 5.58
C ALA B 255 -24.64 -4.41 5.98
N GLU B 256 -25.11 -5.26 5.06
CA GLU B 256 -25.27 -6.70 5.23
C GLU B 256 -23.91 -7.39 5.45
N VAL B 257 -22.85 -6.89 4.75
CA VAL B 257 -21.47 -7.37 4.83
C VAL B 257 -20.85 -6.97 6.16
N HIS B 258 -20.95 -5.67 6.52
CA HIS B 258 -20.45 -5.18 7.80
C HIS B 258 -21.14 -5.86 8.98
N GLU B 259 -22.33 -6.43 8.76
CA GLU B 259 -23.01 -7.20 9.81
C GLU B 259 -22.32 -8.55 10.00
N LEU B 260 -21.87 -9.19 8.87
CA LEU B 260 -21.17 -10.47 8.88
C LEU B 260 -19.80 -10.36 9.53
N MET B 261 -19.11 -9.21 9.38
CA MET B 261 -17.83 -8.92 10.06
C MET B 261 -18.07 -8.88 11.57
N LYS B 262 -19.10 -8.15 12.01
CA LYS B 262 -19.43 -8.08 13.44
C LYS B 262 -19.61 -9.46 14.05
N LEU B 263 -20.26 -10.39 13.33
CA LEU B 263 -20.44 -11.77 13.79
C LEU B 263 -19.14 -12.54 13.92
N CYS B 264 -18.21 -12.38 12.94
CA CYS B 264 -16.87 -13.01 12.91
C CYS B 264 -16.05 -12.50 14.12
N TRP B 265 -16.41 -11.31 14.61
CA TRP B 265 -15.80 -10.60 15.71
C TRP B 265 -16.55 -10.78 17.05
N ALA B 266 -17.34 -11.87 17.24
CA ALA B 266 -18.03 -12.13 18.52
C ALA B 266 -16.95 -12.40 19.59
N PRO B 267 -17.09 -11.90 20.85
CA PRO B 267 -15.99 -12.06 21.84
C PRO B 267 -15.61 -13.51 22.19
N SER B 268 -16.62 -14.37 22.25
CA SER B 268 -16.43 -15.79 22.54
C SER B 268 -16.34 -16.57 21.22
N PRO B 269 -15.38 -17.51 21.08
CA PRO B 269 -15.25 -18.29 19.83
C PRO B 269 -16.47 -19.12 19.46
N GLN B 270 -17.28 -19.52 20.45
CA GLN B 270 -18.47 -20.33 20.26
C GLN B 270 -19.64 -19.58 19.61
N ASP B 271 -19.62 -18.22 19.61
CA ASP B 271 -20.68 -17.37 19.06
C ASP B 271 -20.38 -16.82 17.65
N ARG B 272 -19.14 -17.05 17.17
CA ARG B 272 -18.72 -16.67 15.81
C ARG B 272 -19.33 -17.70 14.85
N PRO B 273 -19.84 -17.29 13.68
CA PRO B 273 -20.41 -18.28 12.77
C PRO B 273 -19.33 -19.18 12.18
N SER B 274 -19.70 -20.37 11.70
CA SER B 274 -18.72 -21.26 11.08
C SER B 274 -18.53 -20.80 9.61
N PHE B 275 -17.47 -21.27 8.93
CA PHE B 275 -17.28 -20.96 7.50
C PHE B 275 -18.39 -21.59 6.68
N SER B 276 -18.89 -22.77 7.10
CA SER B 276 -19.98 -23.51 6.50
C SER B 276 -21.25 -22.66 6.54
N ALA B 277 -21.43 -21.86 7.63
CA ALA B 277 -22.58 -20.98 7.83
C ALA B 277 -22.43 -19.68 7.06
N LEU B 278 -21.21 -19.12 7.02
CA LEU B 278 -20.89 -17.85 6.36
C LEU B 278 -21.04 -17.95 4.87
N GLY B 279 -20.62 -19.08 4.30
CA GLY B 279 -20.64 -19.36 2.87
C GLY B 279 -21.92 -18.97 2.16
N PRO B 280 -23.08 -19.56 2.56
CA PRO B 280 -24.34 -19.18 1.90
C PRO B 280 -24.70 -17.71 2.13
N GLN B 281 -24.43 -17.19 3.34
CA GLN B 281 -24.73 -15.80 3.72
C GLN B 281 -24.06 -14.81 2.80
N LEU B 282 -22.80 -15.11 2.38
CA LEU B 282 -22.08 -14.28 1.43
C LEU B 282 -22.65 -14.50 0.03
N ASP B 283 -22.78 -15.77 -0.41
CA ASP B 283 -23.30 -16.16 -1.74
C ASP B 283 -24.68 -15.64 -2.07
N MET B 284 -25.54 -15.50 -1.06
CA MET B 284 -26.92 -15.07 -1.23
C MET B 284 -27.13 -13.54 -1.06
N LEU B 285 -26.08 -12.73 -1.24
CA LEU B 285 -26.17 -11.27 -1.20
C LEU B 285 -26.03 -10.77 -2.66
N PRO C 1 -8.85 12.99 4.43
CA PRO C 1 -8.99 12.54 3.04
C PRO C 1 -8.69 13.64 2.01
N THR C 2 -9.24 13.48 0.77
CA THR C 2 -9.14 14.48 -0.29
C THR C 2 -10.14 15.65 0.01
N ILE C 3 -11.46 15.32 0.25
CA ILE C 3 -12.49 16.31 0.61
C ILE C 3 -12.89 16.16 2.10
N PHE C 4 -12.71 17.27 2.87
CA PHE C 4 -12.96 17.48 4.29
C PHE C 4 -14.41 17.94 4.33
N GLU C 5 -15.30 17.15 4.95
CA GLU C 5 -16.72 17.49 4.97
C GLU C 5 -16.97 18.67 5.88
N GLU C 6 -17.68 19.70 5.39
CA GLU C 6 -18.03 20.94 6.11
C GLU C 6 -18.54 20.67 7.55
N ARG C 7 -19.45 19.68 7.72
CA ARG C 7 -20.02 19.30 9.01
C ARG C 7 -18.96 18.77 10.02
N HIS C 8 -17.78 18.35 9.52
CA HIS C 8 -16.69 17.82 10.32
C HIS C 8 -15.63 18.88 10.70
N LEU C 9 -15.64 20.03 10.01
CA LEU C 9 -14.73 21.16 10.25
C LEU C 9 -15.33 22.07 11.32
N LYS C 10 -14.98 21.76 12.56
CA LYS C 10 -15.45 22.44 13.75
C LYS C 10 -14.61 23.68 14.06
N TYR C 11 -15.20 24.87 13.91
CA TYR C 11 -14.59 26.17 14.10
C TYR C 11 -14.18 26.42 15.50
N ILE C 12 -13.03 27.08 15.63
CA ILE C 12 -12.46 27.43 16.92
C ILE C 12 -12.21 28.93 16.99
N SER C 13 -11.32 29.46 16.14
CA SER C 13 -10.99 30.89 16.19
C SER C 13 -10.47 31.40 14.86
N GLN C 14 -10.23 32.71 14.79
CA GLN C 14 -9.67 33.37 13.61
C GLN C 14 -8.16 33.43 13.71
N LEU C 15 -7.49 33.19 12.58
CA LEU C 15 -6.04 33.18 12.46
C LEU C 15 -5.55 34.41 11.74
N GLY C 16 -6.41 34.95 10.88
CA GLY C 16 -6.15 36.15 10.09
C GLY C 16 -7.32 36.56 9.23
N LYS C 17 -7.35 37.85 8.84
CA LYS C 17 -8.40 38.41 8.01
C LYS C 17 -7.85 39.44 7.07
N GLY C 18 -8.26 39.28 5.82
CA GLY C 18 -7.95 40.20 4.72
C GLY C 18 -9.24 40.85 4.28
N ASN C 19 -9.19 41.56 3.15
CA ASN C 19 -10.38 42.19 2.59
C ASN C 19 -11.10 41.19 1.68
N PHE C 20 -10.31 40.38 0.93
CA PHE C 20 -10.77 39.34 -0.01
C PHE C 20 -11.32 38.06 0.68
N GLY C 21 -10.75 37.70 1.83
CA GLY C 21 -11.15 36.55 2.64
C GLY C 21 -10.54 36.47 4.03
N SER C 22 -10.53 35.27 4.64
CA SER C 22 -9.99 35.03 5.98
C SER C 22 -9.46 33.59 6.18
N VAL C 23 -8.74 33.39 7.32
CA VAL C 23 -8.19 32.10 7.74
C VAL C 23 -8.64 31.81 9.15
N GLU C 24 -9.22 30.62 9.37
CA GLU C 24 -9.66 30.22 10.69
C GLU C 24 -9.13 28.86 11.12
N LEU C 25 -8.96 28.69 12.42
CA LEU C 25 -8.52 27.47 13.07
C LEU C 25 -9.75 26.63 13.31
N CYS C 26 -9.68 25.38 12.86
CA CYS C 26 -10.73 24.40 13.04
C CYS C 26 -10.20 23.10 13.65
N ARG C 27 -11.10 22.21 14.05
CA ARG C 27 -10.74 20.87 14.46
C ARG C 27 -11.46 19.96 13.46
N TYR C 28 -10.71 19.17 12.68
CA TYR C 28 -11.32 18.23 11.73
C TYR C 28 -11.69 16.99 12.49
N ASP C 29 -12.96 16.91 12.83
CA ASP C 29 -13.53 15.86 13.69
C ASP C 29 -14.55 15.01 12.94
N PRO C 30 -14.10 14.03 12.11
CA PRO C 30 -15.07 13.19 11.40
C PRO C 30 -15.77 12.15 12.29
N LEU C 31 -15.16 11.75 13.43
CA LEU C 31 -15.71 10.76 14.35
C LEU C 31 -16.63 11.37 15.42
N GLY C 32 -16.72 12.71 15.45
CA GLY C 32 -17.53 13.47 16.41
C GLY C 32 -17.13 13.35 17.87
N ASP C 33 -16.04 12.61 18.17
CA ASP C 33 -15.60 12.37 19.55
C ASP C 33 -14.52 13.35 20.06
N ASN C 34 -14.39 14.52 19.41
CA ASN C 34 -13.45 15.61 19.78
C ASN C 34 -11.94 15.18 19.77
N THR C 35 -11.65 14.06 19.07
CA THR C 35 -10.35 13.42 18.88
C THR C 35 -9.57 14.05 17.70
N GLY C 36 -10.27 14.86 16.91
CA GLY C 36 -9.78 15.46 15.68
C GLY C 36 -8.57 16.36 15.76
N ALA C 37 -7.90 16.50 14.60
CA ALA C 37 -6.71 17.29 14.38
C ALA C 37 -7.06 18.75 14.06
N LEU C 38 -6.22 19.68 14.51
CA LEU C 38 -6.39 21.12 14.23
C LEU C 38 -5.79 21.43 12.89
N VAL C 39 -6.61 22.00 12.01
CA VAL C 39 -6.20 22.44 10.67
C VAL C 39 -6.48 23.93 10.52
N ALA C 40 -5.75 24.60 9.60
CA ALA C 40 -6.01 26.00 9.22
C ALA C 40 -6.90 25.93 7.97
N VAL C 41 -8.00 26.70 7.95
CA VAL C 41 -8.94 26.71 6.81
C VAL C 41 -9.06 28.12 6.20
N LYS C 42 -8.76 28.25 4.89
CA LYS C 42 -8.83 29.52 4.14
C LYS C 42 -10.13 29.58 3.29
N GLN C 43 -10.78 30.75 3.26
CA GLN C 43 -11.99 30.97 2.48
C GLN C 43 -12.11 32.44 2.09
N LEU C 44 -12.89 32.73 1.03
CA LEU C 44 -13.10 34.11 0.57
C LEU C 44 -14.41 34.67 1.14
N GLN C 45 -14.37 35.91 1.62
CA GLN C 45 -15.52 36.66 2.19
C GLN C 45 -15.60 38.00 1.47
N HIS C 46 -16.75 38.32 0.82
CA HIS C 46 -17.00 39.55 0.02
C HIS C 46 -16.00 39.67 -1.17
N SER C 47 -16.01 38.65 -2.05
CA SER C 47 -15.09 38.64 -3.19
C SER C 47 -15.84 38.47 -4.50
N GLY C 48 -15.32 39.13 -5.53
CA GLY C 48 -15.82 39.05 -6.90
C GLY C 48 -15.25 37.84 -7.64
N PRO C 49 -15.55 37.70 -8.95
CA PRO C 49 -15.06 36.52 -9.68
C PRO C 49 -13.54 36.46 -9.87
N ASP C 50 -12.89 37.62 -9.76
CA ASP C 50 -11.46 37.72 -10.00
C ASP C 50 -10.62 37.15 -8.85
N GLN C 51 -11.23 37.00 -7.68
CA GLN C 51 -10.61 36.44 -6.46
C GLN C 51 -10.90 34.95 -6.35
N GLN C 52 -12.07 34.50 -6.82
CA GLN C 52 -12.49 33.08 -6.86
C GLN C 52 -11.54 32.30 -7.79
N ARG C 53 -11.15 32.95 -8.93
CA ARG C 53 -10.21 32.49 -9.96
C ARG C 53 -8.81 32.34 -9.36
N ASP C 54 -8.32 33.40 -8.68
CA ASP C 54 -7.04 33.46 -7.99
C ASP C 54 -6.89 32.40 -6.86
N PHE C 55 -7.94 32.18 -6.06
CA PHE C 55 -7.99 31.21 -4.98
C PHE C 55 -7.92 29.79 -5.56
N GLN C 56 -8.68 29.52 -6.61
CA GLN C 56 -8.70 28.24 -7.31
C GLN C 56 -7.28 27.92 -7.83
N ARG C 57 -6.56 28.98 -8.30
CA ARG C 57 -5.18 28.94 -8.78
C ARG C 57 -4.22 28.68 -7.58
N GLU C 58 -4.51 29.31 -6.42
CA GLU C 58 -3.71 29.20 -5.19
C GLU C 58 -3.75 27.81 -4.59
N ILE C 59 -4.91 27.14 -4.70
CA ILE C 59 -5.13 25.79 -4.18
C ILE C 59 -4.29 24.78 -4.92
N GLN C 60 -4.26 24.87 -6.26
CA GLN C 60 -3.50 23.94 -7.09
C GLN C 60 -2.01 24.10 -6.92
N ILE C 61 -1.51 25.32 -6.63
CA ILE C 61 -0.08 25.61 -6.44
C ILE C 61 0.44 25.00 -5.15
N LEU C 62 -0.25 25.26 -4.03
CA LEU C 62 0.08 24.75 -2.70
C LEU C 62 -0.05 23.25 -2.67
N LYS C 63 -1.06 22.68 -3.34
CA LYS C 63 -1.30 21.23 -3.48
C LYS C 63 -0.09 20.55 -4.09
N ALA C 64 0.55 21.23 -5.04
CA ALA C 64 1.70 20.77 -5.81
C ALA C 64 3.06 20.96 -5.16
N LEU C 65 3.21 21.87 -4.19
CA LEU C 65 4.47 22.17 -3.52
C LEU C 65 4.72 21.22 -2.36
N HIS C 66 5.99 20.75 -2.22
CA HIS C 66 6.41 19.80 -1.18
C HIS C 66 7.77 20.16 -0.60
N SER C 67 7.77 21.20 0.24
CA SER C 67 8.98 21.64 0.95
C SER C 67 8.66 21.61 2.44
N ASP C 68 9.67 21.30 3.26
CA ASP C 68 9.53 21.33 4.72
C ASP C 68 9.38 22.78 5.20
N PHE C 69 9.59 23.76 4.26
CA PHE C 69 9.60 25.19 4.55
C PHE C 69 8.50 25.96 3.85
N ILE C 70 7.45 25.25 3.44
CA ILE C 70 6.25 25.77 2.80
C ILE C 70 5.09 25.04 3.48
N VAL C 71 4.06 25.78 3.89
CA VAL C 71 2.89 25.21 4.58
C VAL C 71 2.27 24.06 3.79
N LYS C 72 1.93 22.97 4.47
CA LYS C 72 1.33 21.81 3.84
C LYS C 72 -0.14 22.03 3.48
N TYR C 73 -0.49 21.59 2.28
CA TYR C 73 -1.85 21.56 1.79
C TYR C 73 -2.42 20.26 2.41
N ARG C 74 -3.67 20.28 2.86
CA ARG C 74 -4.33 19.11 3.43
C ARG C 74 -5.47 18.64 2.54
N GLY C 75 -6.24 19.59 2.03
CA GLY C 75 -7.37 19.28 1.16
C GLY C 75 -8.25 20.48 0.95
N VAL C 76 -9.48 20.20 0.47
CA VAL C 76 -10.53 21.19 0.21
C VAL C 76 -11.83 20.69 0.78
N SER C 77 -12.71 21.63 1.10
CA SER C 77 -14.07 21.38 1.57
C SER C 77 -15.00 22.09 0.58
N TYR C 78 -16.05 21.38 0.13
CA TYR C 78 -17.04 21.87 -0.83
C TYR C 78 -18.38 22.19 -0.12
N GLY C 79 -19.50 21.73 -0.71
CA GLY C 79 -20.85 21.96 -0.23
C GLY C 79 -21.42 20.76 0.50
N LEU C 85 -16.02 27.35 -1.56
CA LEU C 85 -14.73 26.68 -1.60
C LEU C 85 -13.83 27.16 -0.47
N ARG C 86 -13.24 26.17 0.25
CA ARG C 86 -12.37 26.33 1.40
C ARG C 86 -11.14 25.44 1.24
N LEU C 87 -9.97 26.04 1.45
CA LEU C 87 -8.68 25.41 1.36
C LEU C 87 -8.24 24.99 2.77
N VAL C 88 -8.08 23.67 2.98
CA VAL C 88 -7.67 23.10 4.27
C VAL C 88 -6.14 22.91 4.20
N MET C 89 -5.43 23.39 5.24
CA MET C 89 -3.96 23.34 5.39
C MET C 89 -3.54 22.95 6.78
N GLU C 90 -2.25 22.76 6.99
CA GLU C 90 -1.71 22.46 8.30
C GLU C 90 -1.74 23.71 9.19
N TYR C 91 -1.79 23.49 10.49
CA TYR C 91 -1.85 24.57 11.44
C TYR C 91 -0.49 24.71 12.10
N LEU C 92 0.07 25.95 12.07
CA LEU C 92 1.32 26.36 12.70
C LEU C 92 0.95 27.16 13.93
N PRO C 93 1.08 26.57 15.16
CA PRO C 93 0.58 27.25 16.36
C PRO C 93 1.26 28.55 16.79
N SER C 94 2.59 28.65 16.65
CA SER C 94 3.37 29.81 17.11
C SER C 94 3.05 31.14 16.37
N GLY C 95 2.32 31.05 15.26
CA GLY C 95 1.86 32.20 14.51
C GLY C 95 2.87 32.82 13.57
N CYS C 96 2.64 34.09 13.26
CA CYS C 96 3.43 34.96 12.40
C CYS C 96 4.90 35.17 12.89
N LEU C 97 5.88 35.14 11.97
CA LEU C 97 7.28 35.42 12.29
C LEU C 97 7.52 36.89 12.75
N ARG C 98 6.76 37.86 12.19
CA ARG C 98 6.88 39.28 12.58
C ARG C 98 6.52 39.49 14.05
N ASP C 99 5.42 38.87 14.53
CA ASP C 99 4.99 38.89 15.92
C ASP C 99 6.00 38.17 16.84
N PHE C 100 6.42 36.94 16.48
CA PHE C 100 7.37 36.09 17.22
C PHE C 100 8.74 36.77 17.47
N LEU C 101 9.28 37.51 16.47
CA LEU C 101 10.57 38.22 16.58
C LEU C 101 10.46 39.35 17.59
N GLN C 102 9.35 40.11 17.53
CA GLN C 102 9.09 41.24 18.44
C GLN C 102 8.84 40.75 19.87
N ARG C 103 8.11 39.62 20.01
CA ARG C 103 7.73 39.06 21.30
C ARG C 103 8.90 38.37 22.01
N HIS C 104 9.81 37.71 21.27
CA HIS C 104 10.93 36.96 21.86
C HIS C 104 12.30 37.53 21.54
N ARG C 105 12.37 38.79 21.04
CA ARG C 105 13.58 39.55 20.68
C ARG C 105 14.75 39.39 21.66
N ALA C 106 14.47 39.63 22.96
CA ALA C 106 15.44 39.64 24.06
C ALA C 106 16.03 38.28 24.38
N ARG C 107 15.34 37.22 23.95
CA ARG C 107 15.67 35.84 24.20
C ARG C 107 15.90 35.07 22.88
N LEU C 108 16.43 35.76 21.83
CA LEU C 108 16.75 35.23 20.48
C LEU C 108 18.09 35.83 19.97
N ASP C 109 18.98 35.01 19.32
CA ASP C 109 20.29 35.53 18.87
C ASP C 109 20.47 35.49 17.34
N ALA C 110 21.59 36.09 16.84
CA ALA C 110 21.94 36.17 15.41
C ALA C 110 21.96 34.80 14.72
N SER C 111 22.46 33.77 15.42
CA SER C 111 22.59 32.40 14.94
C SER C 111 21.23 31.79 14.61
N ARG C 112 20.23 32.14 15.44
CA ARG C 112 18.83 31.68 15.28
C ARG C 112 18.19 32.38 14.08
N LEU C 113 18.44 33.69 13.92
CA LEU C 113 17.97 34.51 12.79
C LEU C 113 18.57 33.95 11.52
N LEU C 114 19.80 33.44 11.62
CA LEU C 114 20.50 32.85 10.47
C LEU C 114 19.83 31.52 10.08
N LEU C 115 19.34 30.77 11.07
CA LEU C 115 18.62 29.52 10.85
C LEU C 115 17.31 29.78 10.09
N TYR C 116 16.59 30.89 10.41
CA TYR C 116 15.34 31.30 9.76
C TYR C 116 15.62 31.73 8.35
N SER C 117 16.59 32.64 8.15
CA SER C 117 17.07 33.12 6.83
C SER C 117 17.37 31.91 5.94
N SER C 118 18.15 30.92 6.44
CA SER C 118 18.54 29.69 5.73
C SER C 118 17.32 28.82 5.36
N GLN C 119 16.31 28.75 6.23
CA GLN C 119 15.08 27.98 6.01
C GLN C 119 14.16 28.64 4.98
N ILE C 120 13.99 29.99 5.05
CA ILE C 120 13.19 30.74 4.09
C ILE C 120 13.89 30.59 2.73
N CYS C 121 15.22 30.75 2.70
CA CYS C 121 16.05 30.56 1.50
C CYS C 121 15.81 29.18 0.82
N LYS C 122 15.84 28.09 1.59
CA LYS C 122 15.61 26.73 1.11
C LYS C 122 14.20 26.55 0.56
N GLY C 123 13.20 27.22 1.14
CA GLY C 123 11.82 27.21 0.65
C GLY C 123 11.67 28.00 -0.65
N MET C 124 12.30 29.16 -0.73
CA MET C 124 12.30 30.02 -1.92
C MET C 124 13.06 29.39 -3.12
N GLU C 125 14.14 28.66 -2.81
CA GLU C 125 14.92 27.93 -3.78
C GLU C 125 14.02 26.84 -4.40
N TYR C 126 13.28 26.09 -3.54
CA TYR C 126 12.35 25.05 -3.99
C TYR C 126 11.28 25.66 -4.88
N LEU C 127 10.65 26.77 -4.40
CA LEU C 127 9.64 27.54 -5.13
C LEU C 127 10.09 27.84 -6.57
N GLY C 128 11.32 28.36 -6.71
CA GLY C 128 11.97 28.66 -7.98
C GLY C 128 12.07 27.46 -8.89
N SER C 129 12.55 26.30 -8.37
CA SER C 129 12.63 25.03 -9.12
C SER C 129 11.23 24.55 -9.64
N ARG C 130 10.15 25.08 -9.04
CA ARG C 130 8.76 24.81 -9.39
C ARG C 130 8.19 25.93 -10.26
N ARG C 131 9.09 26.86 -10.70
CA ARG C 131 8.81 28.02 -11.57
C ARG C 131 7.65 28.86 -11.08
N CYS C 132 7.60 29.07 -9.76
CA CYS C 132 6.57 29.82 -9.05
C CYS C 132 7.21 31.05 -8.43
N VAL C 133 6.49 32.18 -8.50
CA VAL C 133 6.92 33.48 -7.94
C VAL C 133 5.88 33.83 -6.87
N HIS C 134 6.30 33.90 -5.59
CA HIS C 134 5.44 34.18 -4.44
C HIS C 134 4.80 35.57 -4.50
N ARG C 135 5.63 36.61 -4.79
CA ARG C 135 5.28 38.02 -4.96
C ARG C 135 5.03 38.79 -3.64
N ASP C 136 4.74 38.08 -2.54
CA ASP C 136 4.48 38.72 -1.26
C ASP C 136 5.34 38.12 -0.15
N LEU C 137 6.63 37.96 -0.44
CA LEU C 137 7.58 37.41 0.51
C LEU C 137 7.96 38.54 1.50
N ALA C 138 7.42 38.46 2.73
CA ALA C 138 7.64 39.40 3.81
C ALA C 138 7.50 38.64 5.13
N ALA C 139 8.06 39.16 6.27
CA ALA C 139 7.93 38.48 7.57
C ALA C 139 6.47 38.27 8.02
N ARG C 140 5.55 39.15 7.59
CA ARG C 140 4.12 39.02 7.90
C ARG C 140 3.50 37.73 7.33
N ASN C 141 4.07 37.18 6.23
CA ASN C 141 3.59 35.94 5.58
C ASN C 141 4.47 34.69 5.87
N ILE C 142 5.42 34.83 6.82
CA ILE C 142 6.26 33.71 7.28
C ILE C 142 5.64 33.29 8.61
N LEU C 143 5.46 31.97 8.80
CA LEU C 143 4.90 31.40 10.02
C LEU C 143 5.95 30.67 10.79
N VAL C 144 5.71 30.45 12.11
CA VAL C 144 6.62 29.77 13.03
C VAL C 144 6.05 28.39 13.40
N GLU C 145 6.81 27.31 13.13
CA GLU C 145 6.45 25.95 13.56
C GLU C 145 6.82 25.85 15.05
N SER C 146 8.12 26.08 15.35
CA SER C 146 8.71 26.06 16.69
C SER C 146 9.88 27.05 16.62
N GLU C 147 10.52 27.33 17.76
CA GLU C 147 11.67 28.25 17.84
C GLU C 147 12.85 27.85 16.93
N ALA C 148 12.79 26.64 16.28
CA ALA C 148 13.84 26.18 15.39
C ALA C 148 13.34 25.75 13.98
N HIS C 149 12.15 26.26 13.55
CA HIS C 149 11.55 25.92 12.27
C HIS C 149 10.49 26.93 11.81
N VAL C 150 10.69 27.52 10.62
CA VAL C 150 9.79 28.47 9.99
C VAL C 150 9.33 27.93 8.62
N LYS C 151 8.10 28.30 8.20
CA LYS C 151 7.49 27.91 6.93
C LYS C 151 6.88 29.15 6.23
N ILE C 152 6.97 29.18 4.90
CA ILE C 152 6.46 30.26 4.06
C ILE C 152 4.97 30.03 3.85
N ALA C 153 4.15 31.09 3.95
CA ALA C 153 2.68 31.04 3.78
C ALA C 153 2.14 32.11 2.82
N ASP C 154 0.80 32.16 2.63
CA ASP C 154 0.03 33.09 1.77
C ASP C 154 0.49 33.06 0.32
N PHE C 155 -0.06 32.13 -0.45
CA PHE C 155 0.24 32.01 -1.88
C PHE C 155 -0.87 32.71 -2.68
N GLY C 156 -1.54 33.64 -1.98
CA GLY C 156 -2.64 34.47 -2.48
C GLY C 156 -2.31 35.30 -3.70
N LEU C 157 -1.06 35.81 -3.75
CA LEU C 157 -0.50 36.61 -4.84
C LEU C 157 0.45 35.83 -5.74
N ALA C 158 0.73 34.56 -5.40
CA ALA C 158 1.66 33.72 -6.15
C ALA C 158 1.26 33.48 -7.58
N LYS C 159 2.23 33.54 -8.49
CA LYS C 159 2.01 33.34 -9.92
C LYS C 159 3.00 32.32 -10.47
N LEU C 160 2.54 31.43 -11.35
CA LEU C 160 3.43 30.49 -12.02
C LEU C 160 3.98 31.16 -13.26
N LEU C 161 5.28 30.97 -13.49
CA LEU C 161 5.99 31.54 -14.62
C LEU C 161 5.53 30.87 -15.91
N PRO C 162 5.30 31.65 -17.01
CA PRO C 162 4.92 31.02 -18.29
C PRO C 162 5.92 29.95 -18.69
N LEU C 163 5.44 28.85 -19.32
CA LEU C 163 6.29 27.72 -19.71
C LEU C 163 7.50 28.11 -20.60
N ASP C 164 7.42 29.26 -21.27
CA ASP C 164 8.50 29.73 -22.15
C ASP C 164 9.25 30.96 -21.61
N LYS C 165 8.72 31.62 -20.54
CA LYS C 165 9.34 32.84 -20.04
C LYS C 165 9.81 32.76 -18.59
N ASP C 166 10.78 33.62 -18.22
CA ASP C 166 11.38 33.69 -16.88
C ASP C 166 10.84 34.85 -16.04
N PTR C 167 9.94 35.65 -16.62
CA PTR C 167 9.32 36.81 -15.96
C PTR C 167 7.81 36.73 -16.16
O PTR C 167 7.33 35.89 -16.92
CB PTR C 167 9.91 38.13 -16.52
CG PTR C 167 9.66 38.36 -17.99
CD1 PTR C 167 10.54 37.86 -18.95
CD2 PTR C 167 8.53 39.05 -18.42
CE1 PTR C 167 10.29 38.03 -20.31
CE2 PTR C 167 8.26 39.21 -19.77
CZ PTR C 167 9.15 38.70 -20.72
OH PTR C 167 8.93 38.86 -22.12
P PTR C 167 7.55 39.25 -22.81
O1P PTR C 167 6.91 40.51 -22.18
O2P PTR C 167 6.67 38.04 -22.71
O3P PTR C 167 7.87 39.47 -24.28
N PTR C 168 7.09 37.60 -15.46
CA PTR C 168 5.65 37.68 -15.52
C PTR C 168 5.21 39.10 -15.20
O PTR C 168 5.60 39.67 -14.19
CB PTR C 168 5.01 36.68 -14.53
CG PTR C 168 3.53 36.49 -14.72
CD1 PTR C 168 3.02 35.88 -15.86
CD2 PTR C 168 2.63 36.97 -13.78
CE1 PTR C 168 1.65 35.75 -16.05
CE2 PTR C 168 1.26 36.84 -13.95
CZ PTR C 168 0.78 36.25 -15.11
OH PTR C 168 -0.60 36.05 -15.34
P PTR C 168 -1.85 36.86 -14.80
O1P PTR C 168 -1.43 38.19 -14.20
O2P PTR C 168 -2.81 37.03 -15.95
O3P PTR C 168 -2.42 36.01 -13.68
N VAL C 169 4.42 39.68 -16.11
CA VAL C 169 3.85 41.02 -15.98
C VAL C 169 2.40 40.90 -15.51
N VAL C 170 2.08 41.64 -14.44
CA VAL C 170 0.75 41.66 -13.83
C VAL C 170 -0.23 42.51 -14.68
N PRO C 177 3.41 46.94 1.35
CA PRO C 177 3.47 46.16 0.09
C PRO C 177 4.64 46.54 -0.84
N ILE C 178 4.58 47.76 -1.40
CA ILE C 178 5.57 48.38 -2.29
C ILE C 178 6.99 48.47 -1.67
N PHE C 179 7.09 48.41 -0.32
CA PHE C 179 8.39 48.48 0.38
C PHE C 179 9.25 47.23 0.19
N TRP C 180 8.61 46.12 -0.24
CA TRP C 180 9.23 44.81 -0.52
C TRP C 180 9.39 44.59 -2.04
N TYR C 181 8.80 45.50 -2.83
CA TYR C 181 8.79 45.46 -4.27
C TYR C 181 10.09 45.96 -4.92
N ALA C 182 10.64 45.15 -5.85
CA ALA C 182 11.84 45.42 -6.65
C ALA C 182 11.58 46.64 -7.57
N PRO C 183 12.63 47.31 -8.13
CA PRO C 183 12.36 48.48 -8.99
C PRO C 183 11.57 48.12 -10.22
N GLU C 184 11.97 47.00 -10.87
CA GLU C 184 11.35 46.45 -12.06
C GLU C 184 9.88 45.98 -11.82
N SER C 185 9.49 45.81 -10.52
CA SER C 185 8.13 45.43 -10.10
C SER C 185 7.29 46.73 -10.05
N LEU C 186 7.82 47.73 -9.36
CA LEU C 186 7.20 49.05 -9.19
C LEU C 186 7.05 49.81 -10.50
N SER C 187 8.09 49.76 -11.39
CA SER C 187 8.09 50.48 -12.67
C SER C 187 7.32 49.81 -13.79
N ASP C 188 7.47 48.49 -13.98
CA ASP C 188 6.86 47.81 -15.10
C ASP C 188 6.02 46.60 -14.75
N ASN C 189 5.77 46.36 -13.46
CA ASN C 189 4.99 45.23 -12.93
C ASN C 189 5.56 43.87 -13.36
N ILE C 190 6.90 43.79 -13.41
CA ILE C 190 7.59 42.56 -13.75
C ILE C 190 7.95 41.84 -12.46
N PHE C 191 7.62 40.55 -12.42
CA PHE C 191 7.86 39.67 -11.30
C PHE C 191 8.50 38.43 -11.83
N SER C 192 9.55 38.01 -11.13
CA SER C 192 10.34 36.83 -11.45
C SER C 192 10.90 36.28 -10.16
N ARG C 193 11.71 35.22 -10.24
CA ARG C 193 12.40 34.64 -9.09
C ARG C 193 13.36 35.71 -8.52
N GLN C 194 13.93 36.55 -9.41
CA GLN C 194 14.86 37.65 -9.11
C GLN C 194 14.19 38.82 -8.36
N SER C 195 12.86 39.02 -8.55
CA SER C 195 12.15 40.04 -7.81
C SER C 195 11.89 39.51 -6.39
N ASP C 196 11.72 38.16 -6.23
CA ASP C 196 11.58 37.49 -4.93
C ASP C 196 12.92 37.49 -4.18
N VAL C 197 14.07 37.55 -4.92
CA VAL C 197 15.40 37.66 -4.28
C VAL C 197 15.45 39.06 -3.64
N TRP C 198 14.99 40.11 -4.39
CA TRP C 198 14.87 41.48 -3.87
C TRP C 198 14.01 41.44 -2.56
N SER C 199 12.84 40.73 -2.60
CA SER C 199 11.91 40.59 -1.46
C SER C 199 12.55 39.94 -0.21
N PHE C 200 13.38 38.89 -0.43
CA PHE C 200 14.15 38.19 0.60
C PHE C 200 15.15 39.12 1.26
N GLY C 201 15.82 39.95 0.47
CA GLY C 201 16.76 40.97 0.95
C GLY C 201 16.12 41.82 2.03
N VAL C 202 14.86 42.26 1.81
CA VAL C 202 14.01 42.99 2.76
C VAL C 202 13.62 42.14 3.97
N VAL C 203 13.30 40.83 3.78
CA VAL C 203 13.00 39.87 4.89
C VAL C 203 14.24 39.74 5.83
N LEU C 204 15.51 39.69 5.24
CA LEU C 204 16.75 39.62 6.04
C LEU C 204 16.85 40.84 6.91
N TYR C 205 16.44 42.01 6.35
CA TYR C 205 16.42 43.28 7.07
C TYR C 205 15.46 43.20 8.27
N GLU C 206 14.22 42.71 8.02
CA GLU C 206 13.17 42.49 9.02
C GLU C 206 13.68 41.53 10.15
N LEU C 207 14.30 40.39 9.76
CA LEU C 207 14.84 39.42 10.72
C LEU C 207 15.86 40.08 11.66
N PHE C 208 16.83 40.76 11.07
CA PHE C 208 17.95 41.37 11.78
C PHE C 208 17.60 42.67 12.53
N THR C 209 16.39 43.26 12.28
CA THR C 209 15.91 44.39 13.08
C THR C 209 14.88 43.83 14.09
N TYR C 210 14.66 42.48 14.08
CA TYR C 210 13.69 41.75 14.93
C TYR C 210 12.30 42.30 14.70
N CYS C 211 12.02 42.76 13.48
CA CYS C 211 10.76 43.38 13.05
C CYS C 211 10.36 44.62 13.89
N ASP C 212 11.34 45.37 14.45
CA ASP C 212 11.15 46.57 15.28
C ASP C 212 10.28 47.56 14.50
N LYS C 213 9.17 48.02 15.10
CA LYS C 213 8.24 48.95 14.44
C LYS C 213 8.94 50.26 14.09
N SER C 214 9.91 50.64 14.92
CA SER C 214 10.73 51.83 14.84
C SER C 214 11.50 51.89 13.50
N CYS C 215 12.18 50.79 13.12
CA CYS C 215 12.96 50.71 11.89
C CYS C 215 12.42 49.67 10.89
N SER C 216 11.08 49.65 10.69
CA SER C 216 10.47 48.72 9.75
C SER C 216 10.76 49.18 8.31
N PRO C 217 10.65 48.31 7.27
CA PRO C 217 10.91 48.77 5.89
C PRO C 217 9.98 49.90 5.41
N SER C 218 8.75 49.98 5.98
CA SER C 218 7.80 51.05 5.69
C SER C 218 8.30 52.32 6.39
N ALA C 219 8.44 52.27 7.74
CA ALA C 219 8.86 53.40 8.58
C ALA C 219 10.15 54.06 8.10
N GLU C 220 11.08 53.23 7.57
CA GLU C 220 12.38 53.65 7.06
C GLU C 220 12.31 54.36 5.70
N PHE C 221 11.59 53.77 4.71
CA PHE C 221 11.44 54.36 3.37
C PHE C 221 10.61 55.62 3.39
N LEU C 222 9.56 55.67 4.24
CA LEU C 222 8.67 56.82 4.41
C LEU C 222 9.39 58.02 5.04
N ARG C 223 10.55 57.79 5.64
CA ARG C 223 11.41 58.81 6.22
C ARG C 223 12.28 59.35 5.08
N MET C 224 12.90 58.45 4.29
CA MET C 224 13.78 58.79 3.16
C MET C 224 12.99 59.53 2.07
N MET C 225 11.85 58.96 1.67
CA MET C 225 11.01 59.52 0.63
C MET C 225 10.30 60.82 1.10
N GLY C 226 9.96 60.89 2.38
CA GLY C 226 9.33 62.06 2.99
C GLY C 226 10.22 63.31 3.11
N SER C 227 11.51 63.22 2.70
CA SER C 227 12.42 64.38 2.72
C SER C 227 12.05 65.36 1.58
N GLU C 228 11.21 64.89 0.61
CA GLU C 228 10.62 65.58 -0.54
C GLU C 228 9.13 65.19 -0.65
N ARG C 229 8.23 66.04 -0.13
CA ARG C 229 6.79 65.75 -0.18
C ARG C 229 6.07 66.62 -1.25
N ASP C 230 5.93 66.05 -2.49
CA ASP C 230 5.33 66.71 -3.66
C ASP C 230 4.95 65.74 -4.82
N VAL C 231 5.22 64.43 -4.67
CA VAL C 231 5.05 63.43 -5.75
C VAL C 231 4.48 62.07 -5.18
N PRO C 232 3.74 61.23 -6.00
CA PRO C 232 3.20 59.93 -5.49
C PRO C 232 4.25 58.99 -4.90
N ALA C 233 3.89 58.21 -3.86
CA ALA C 233 4.81 57.30 -3.15
C ALA C 233 5.55 56.35 -4.08
N LEU C 234 4.82 55.73 -5.04
CA LEU C 234 5.36 54.83 -6.06
C LEU C 234 6.45 55.51 -6.89
N SER C 235 6.29 56.83 -7.13
CA SER C 235 7.21 57.66 -7.90
C SER C 235 8.44 58.05 -7.04
N ARG C 236 8.22 58.57 -5.81
CA ARG C 236 9.30 58.98 -4.89
C ARG C 236 10.14 57.78 -4.40
N LEU C 237 9.53 56.59 -4.25
CA LEU C 237 10.23 55.38 -3.85
C LEU C 237 11.14 54.88 -4.98
N LEU C 238 10.65 54.95 -6.23
CA LEU C 238 11.41 54.54 -7.42
C LEU C 238 12.53 55.53 -7.72
N GLU C 239 12.36 56.82 -7.36
CA GLU C 239 13.39 57.86 -7.54
C GLU C 239 14.58 57.52 -6.66
N LEU C 240 14.28 57.11 -5.44
CA LEU C 240 15.17 56.70 -4.36
C LEU C 240 15.95 55.41 -4.70
N LEU C 241 15.24 54.35 -5.14
CA LEU C 241 15.86 53.07 -5.45
C LEU C 241 16.69 53.10 -6.72
N GLU C 242 16.31 53.97 -7.69
CA GLU C 242 17.09 54.13 -8.91
C GLU C 242 18.40 54.87 -8.61
N GLU C 243 18.37 55.81 -7.61
CA GLU C 243 19.53 56.56 -7.11
C GLU C 243 20.54 55.61 -6.48
N GLY C 244 20.04 54.56 -5.83
CA GLY C 244 20.86 53.57 -5.18
C GLY C 244 20.73 53.64 -3.68
N GLN C 245 19.73 54.40 -3.22
CA GLN C 245 19.48 54.55 -1.80
C GLN C 245 18.76 53.30 -1.31
N ARG C 246 19.22 52.74 -0.17
CA ARG C 246 18.69 51.49 0.38
C ARG C 246 18.33 51.60 1.84
N LEU C 247 17.73 50.50 2.36
CA LEU C 247 17.41 50.34 3.76
C LEU C 247 18.79 50.26 4.48
N PRO C 248 18.98 50.97 5.61
CA PRO C 248 20.31 50.94 6.27
C PRO C 248 20.70 49.60 6.85
N ALA C 249 21.95 49.49 7.31
CA ALA C 249 22.42 48.27 7.95
C ALA C 249 21.72 48.15 9.30
N PRO C 250 20.99 47.04 9.59
CA PRO C 250 20.31 46.92 10.89
C PRO C 250 21.30 47.06 12.06
N PRO C 251 20.90 47.65 13.21
CA PRO C 251 21.87 47.78 14.32
C PRO C 251 22.35 46.42 14.81
N ALA C 252 23.67 46.29 15.01
CA ALA C 252 24.36 45.07 15.48
C ALA C 252 24.34 43.90 14.46
N CYS C 253 23.74 44.11 13.27
CA CYS C 253 23.67 43.10 12.20
C CYS C 253 25.08 42.68 11.74
N PRO C 254 25.36 41.35 11.66
CA PRO C 254 26.66 40.90 11.13
C PRO C 254 26.90 41.49 9.73
N ALA C 255 28.03 42.18 9.56
CA ALA C 255 28.43 42.85 8.32
C ALA C 255 28.33 41.96 7.08
N GLU C 256 28.59 40.65 7.25
CA GLU C 256 28.53 39.64 6.20
C GLU C 256 27.10 39.46 5.69
N VAL C 257 26.10 39.58 6.61
CA VAL C 257 24.66 39.48 6.32
C VAL C 257 24.20 40.72 5.56
N HIS C 258 24.53 41.92 6.08
CA HIS C 258 24.19 43.18 5.43
C HIS C 258 24.82 43.27 4.02
N GLU C 259 25.92 42.52 3.78
CA GLU C 259 26.50 42.46 2.45
C GLU C 259 25.62 41.63 1.49
N LEU C 260 25.04 40.53 1.98
CA LEU C 260 24.15 39.65 1.23
C LEU C 260 22.87 40.33 0.83
N MET C 261 22.33 41.20 1.71
CA MET C 261 21.15 42.02 1.45
C MET C 261 21.45 42.95 0.28
N LYS C 262 22.59 43.69 0.35
CA LYS C 262 23.01 44.59 -0.73
C LYS C 262 23.00 43.88 -2.07
N LEU C 263 23.46 42.61 -2.13
CA LEU C 263 23.44 41.81 -3.37
C LEU C 263 22.02 41.50 -3.88
N CYS C 264 21.09 41.18 -2.96
CA CYS C 264 19.67 40.91 -3.23
C CYS C 264 19.02 42.16 -3.80
N TRP C 265 19.60 43.32 -3.48
CA TRP C 265 19.19 44.65 -3.86
C TRP C 265 19.97 45.22 -5.07
N ALA C 266 20.56 44.36 -5.94
CA ALA C 266 21.28 44.83 -7.15
C ALA C 266 20.24 45.47 -8.09
N PRO C 267 20.53 46.61 -8.77
CA PRO C 267 19.48 47.28 -9.58
C PRO C 267 18.90 46.45 -10.73
N SER C 268 19.75 45.66 -11.38
CA SER C 268 19.35 44.78 -12.46
C SER C 268 19.04 43.38 -11.91
N PRO C 269 17.92 42.74 -12.32
CA PRO C 269 17.58 41.41 -11.81
C PRO C 269 18.61 40.32 -12.11
N GLN C 270 19.37 40.48 -13.20
CA GLN C 270 20.38 39.53 -13.64
C GLN C 270 21.64 39.50 -12.73
N ASP C 271 21.86 40.56 -11.90
CA ASP C 271 23.02 40.68 -11.00
C ASP C 271 22.74 40.29 -9.55
N ARG C 272 21.45 40.01 -9.23
CA ARG C 272 21.02 39.56 -7.91
C ARG C 272 21.43 38.09 -7.82
N PRO C 273 21.92 37.60 -6.67
CA PRO C 273 22.29 36.18 -6.59
C PRO C 273 21.05 35.30 -6.61
N SER C 274 21.19 34.03 -7.00
CA SER C 274 20.07 33.11 -6.99
C SER C 274 19.89 32.60 -5.54
N PHE C 275 18.72 32.00 -5.22
CA PHE C 275 18.52 31.40 -3.89
C PHE C 275 19.48 30.23 -3.68
N SER C 276 19.79 29.49 -4.77
CA SER C 276 20.73 28.38 -4.82
C SER C 276 22.12 28.86 -4.42
N ALA C 277 22.49 30.11 -4.80
CA ALA C 277 23.77 30.75 -4.47
C ALA C 277 23.81 31.31 -3.05
N LEU C 278 22.67 31.89 -2.61
CA LEU C 278 22.54 32.52 -1.29
C LEU C 278 22.59 31.50 -0.18
N GLY C 279 21.98 30.35 -0.41
CA GLY C 279 21.88 29.23 0.53
C GLY C 279 23.17 28.91 1.25
N PRO C 280 24.25 28.51 0.52
CA PRO C 280 25.52 28.20 1.19
C PRO C 280 26.11 29.40 1.91
N GLN C 281 26.01 30.60 1.31
CA GLN C 281 26.52 31.85 1.86
C GLN C 281 25.93 32.15 3.24
N LEU C 282 24.65 31.87 3.43
CA LEU C 282 24.03 32.04 4.74
C LEU C 282 24.46 30.89 5.66
N ASP C 283 24.37 29.62 5.19
CA ASP C 283 24.72 28.41 5.97
C ASP C 283 26.15 28.37 6.49
N MET C 284 27.08 28.97 5.74
CA MET C 284 28.49 28.99 6.06
C MET C 284 28.94 30.22 6.89
N LEU C 285 28.02 30.88 7.58
CA LEU C 285 28.35 32.00 8.47
C LEU C 285 28.35 31.49 9.95
N TRP C 286 27.77 30.25 10.17
CA TRP C 286 27.68 29.48 11.43
C TRP C 286 28.19 30.20 12.69
N PRO D 1 -28.95 -14.87 22.22
CA PRO D 1 -29.79 -15.36 21.12
C PRO D 1 -31.02 -16.04 21.64
N THR D 2 -32.18 -15.65 21.13
CA THR D 2 -33.48 -16.22 21.48
C THR D 2 -33.74 -17.40 20.51
N ILE D 3 -33.51 -18.67 20.98
CA ILE D 3 -33.63 -19.92 20.19
C ILE D 3 -34.83 -20.77 20.61
N PHE D 4 -34.95 -21.98 20.03
CA PHE D 4 -36.00 -22.90 20.48
C PHE D 4 -35.31 -23.73 21.55
N GLU D 5 -35.48 -23.37 22.83
CA GLU D 5 -34.81 -24.07 23.93
C GLU D 5 -35.20 -25.55 24.01
N GLU D 6 -34.20 -26.43 24.06
CA GLU D 6 -34.34 -27.88 24.10
C GLU D 6 -35.45 -28.36 25.09
N ARG D 7 -35.46 -27.80 26.32
CA ARG D 7 -36.42 -28.10 27.37
C ARG D 7 -37.89 -27.77 26.98
N HIS D 8 -38.07 -26.88 25.99
CA HIS D 8 -39.38 -26.44 25.51
C HIS D 8 -39.90 -27.22 24.29
N LEU D 9 -38.99 -27.95 23.59
CA LEU D 9 -39.30 -28.77 22.42
C LEU D 9 -39.75 -30.13 22.89
N LYS D 10 -41.06 -30.24 23.09
CA LYS D 10 -41.74 -31.43 23.58
C LYS D 10 -41.99 -32.42 22.42
N TYR D 11 -41.27 -33.55 22.44
CA TYR D 11 -41.36 -34.61 21.44
C TYR D 11 -42.73 -35.27 21.41
N ILE D 12 -43.18 -35.55 20.21
CA ILE D 12 -44.45 -36.20 19.95
C ILE D 12 -44.22 -37.47 19.16
N SER D 13 -43.73 -37.37 17.91
CA SER D 13 -43.54 -38.54 17.07
C SER D 13 -42.48 -38.32 16.00
N GLN D 14 -42.14 -39.38 15.25
CA GLN D 14 -41.17 -39.32 14.16
C GLN D 14 -41.87 -39.01 12.85
N LEU D 15 -41.23 -38.20 12.01
CA LEU D 15 -41.79 -37.79 10.72
C LEU D 15 -41.00 -38.42 9.59
N GLY D 16 -39.77 -38.77 9.90
CA GLY D 16 -38.87 -39.41 8.95
C GLY D 16 -37.51 -39.71 9.52
N LYS D 17 -36.82 -40.70 8.93
CA LYS D 17 -35.49 -41.12 9.33
C LYS D 17 -34.67 -41.50 8.12
N GLY D 18 -33.49 -40.88 8.05
CA GLY D 18 -32.49 -41.11 7.02
C GLY D 18 -31.25 -41.75 7.61
N ASN D 19 -30.17 -41.78 6.83
CA ASN D 19 -28.88 -42.31 7.24
C ASN D 19 -28.13 -41.21 8.03
N PHE D 20 -28.18 -39.96 7.49
CA PHE D 20 -27.51 -38.77 8.03
C PHE D 20 -28.15 -38.25 9.35
N GLY D 21 -29.48 -38.31 9.42
CA GLY D 21 -30.25 -37.86 10.58
C GLY D 21 -31.72 -38.26 10.57
N SER D 22 -32.56 -37.47 11.27
CA SER D 22 -34.01 -37.69 11.37
C SER D 22 -34.81 -36.39 11.58
N VAL D 23 -36.17 -36.50 11.43
CA VAL D 23 -37.11 -35.39 11.61
C VAL D 23 -38.18 -35.84 12.57
N GLU D 24 -38.41 -35.03 13.63
CA GLU D 24 -39.38 -35.23 14.71
C GLU D 24 -40.43 -34.14 14.76
N LEU D 25 -41.66 -34.53 15.09
CA LEU D 25 -42.78 -33.63 15.35
C LEU D 25 -42.68 -33.33 16.84
N CYS D 26 -42.61 -32.02 17.14
CA CYS D 26 -42.46 -31.43 18.47
C CYS D 26 -43.51 -30.36 18.72
N ARG D 27 -43.88 -30.13 19.95
CA ARG D 27 -44.73 -29.01 20.31
C ARG D 27 -43.79 -28.04 21.04
N TYR D 28 -43.64 -26.84 20.47
CA TYR D 28 -42.80 -25.82 21.10
C TYR D 28 -43.65 -25.11 22.15
N ASP D 29 -43.37 -25.42 23.43
CA ASP D 29 -44.12 -24.94 24.60
C ASP D 29 -43.30 -24.06 25.58
N PRO D 30 -42.99 -22.79 25.22
CA PRO D 30 -42.21 -21.94 26.14
C PRO D 30 -42.94 -21.65 27.47
N LEU D 31 -44.21 -21.17 27.41
CA LEU D 31 -45.05 -21.02 28.60
C LEU D 31 -45.79 -22.33 28.56
N GLY D 32 -45.33 -23.28 29.39
CA GLY D 32 -45.68 -24.68 29.46
C GLY D 32 -47.09 -25.11 29.74
N ASP D 33 -48.08 -24.40 29.16
CA ASP D 33 -49.48 -24.78 29.35
C ASP D 33 -50.04 -25.66 28.21
N ASN D 34 -49.16 -26.34 27.45
CA ASN D 34 -49.51 -27.23 26.32
C ASN D 34 -50.28 -26.50 25.17
N THR D 35 -50.15 -25.15 25.15
CA THR D 35 -50.76 -24.21 24.20
C THR D 35 -49.84 -24.00 22.95
N GLY D 36 -48.64 -24.57 23.03
CA GLY D 36 -47.60 -24.46 22.02
C GLY D 36 -47.91 -24.95 20.62
N ALA D 37 -47.13 -24.43 19.66
CA ALA D 37 -47.26 -24.73 18.24
C ALA D 37 -46.48 -25.98 17.86
N LEU D 38 -47.00 -26.76 16.90
CA LEU D 38 -46.36 -27.96 16.40
C LEU D 38 -45.39 -27.56 15.33
N VAL D 39 -44.12 -27.92 15.53
CA VAL D 39 -43.04 -27.64 14.59
C VAL D 39 -42.36 -28.96 14.17
N ALA D 40 -41.73 -28.97 12.99
CA ALA D 40 -40.92 -30.10 12.52
C ALA D 40 -39.47 -29.77 12.92
N VAL D 41 -38.76 -30.71 13.57
CA VAL D 41 -37.38 -30.48 14.05
C VAL D 41 -36.43 -31.50 13.40
N LYS D 42 -35.40 -31.00 12.69
CA LYS D 42 -34.41 -31.82 11.99
C LYS D 42 -33.09 -31.87 12.82
N GLN D 43 -32.46 -33.04 12.88
CA GLN D 43 -31.20 -33.23 13.58
C GLN D 43 -30.43 -34.36 12.92
N LEU D 44 -29.10 -34.34 13.09
CA LEU D 44 -28.25 -35.39 12.53
C LEU D 44 -27.97 -36.44 13.59
N GLN D 45 -28.05 -37.72 13.17
CA GLN D 45 -27.78 -38.90 14.00
C GLN D 45 -26.83 -39.81 13.26
N GLY D 48 -22.28 -37.55 12.08
CA GLY D 48 -20.98 -37.47 11.44
C GLY D 48 -20.41 -36.05 11.35
N PRO D 49 -19.10 -35.87 11.03
CA PRO D 49 -18.52 -34.51 10.98
C PRO D 49 -18.42 -33.84 9.59
N ASP D 50 -18.81 -34.55 8.50
CA ASP D 50 -18.78 -34.04 7.11
C ASP D 50 -20.21 -33.64 6.66
N GLN D 51 -21.20 -34.11 7.42
CA GLN D 51 -22.64 -33.91 7.30
C GLN D 51 -23.02 -32.75 8.20
N GLN D 52 -22.21 -32.50 9.26
CA GLN D 52 -22.37 -31.42 10.24
C GLN D 52 -22.11 -30.07 9.58
N ARG D 53 -21.20 -30.03 8.59
CA ARG D 53 -20.87 -28.84 7.80
C ARG D 53 -21.94 -28.62 6.70
N ASP D 54 -22.46 -29.70 6.11
CA ASP D 54 -23.54 -29.65 5.14
C ASP D 54 -24.88 -29.17 5.76
N PHE D 55 -25.14 -29.57 7.05
CA PHE D 55 -26.33 -29.22 7.83
C PHE D 55 -26.29 -27.74 8.19
N GLN D 56 -25.10 -27.26 8.53
CA GLN D 56 -24.89 -25.84 8.86
C GLN D 56 -25.20 -24.98 7.64
N ARG D 57 -24.84 -25.49 6.43
CA ARG D 57 -25.07 -24.88 5.14
C ARG D 57 -26.57 -24.93 4.82
N GLU D 58 -27.22 -26.11 5.02
CA GLU D 58 -28.66 -26.35 4.79
C GLU D 58 -29.48 -25.33 5.56
N ILE D 59 -29.16 -25.12 6.85
CA ILE D 59 -29.84 -24.16 7.74
C ILE D 59 -29.86 -22.74 7.15
N GLN D 60 -28.68 -22.21 6.71
CA GLN D 60 -28.56 -20.86 6.17
C GLN D 60 -29.31 -20.66 4.86
N ILE D 61 -29.44 -21.72 4.03
CA ILE D 61 -30.14 -21.68 2.74
C ILE D 61 -31.64 -21.53 2.94
N LEU D 62 -32.26 -22.40 3.81
CA LEU D 62 -33.68 -22.41 4.13
C LEU D 62 -34.04 -21.08 4.79
N LYS D 63 -33.18 -20.63 5.72
CA LYS D 63 -33.34 -19.38 6.46
C LYS D 63 -33.53 -18.19 5.52
N ALA D 64 -32.82 -18.24 4.40
CA ALA D 64 -32.77 -17.23 3.35
C ALA D 64 -33.87 -17.32 2.28
N LEU D 65 -34.50 -18.49 2.10
CA LEU D 65 -35.56 -18.72 1.11
C LEU D 65 -36.92 -18.31 1.62
N HIS D 66 -37.71 -17.62 0.76
CA HIS D 66 -39.04 -17.11 1.08
C HIS D 66 -40.02 -17.32 -0.04
N SER D 67 -40.47 -18.56 -0.21
CA SER D 67 -41.50 -18.91 -1.19
C SER D 67 -42.66 -19.58 -0.45
N ASP D 68 -43.89 -19.37 -0.95
CA ASP D 68 -45.08 -20.02 -0.41
C ASP D 68 -45.04 -21.53 -0.71
N PHE D 69 -44.07 -21.94 -1.55
CA PHE D 69 -43.94 -23.30 -2.05
C PHE D 69 -42.65 -24.00 -1.62
N ILE D 70 -42.02 -23.47 -0.55
CA ILE D 70 -40.82 -23.98 0.07
C ILE D 70 -41.10 -23.94 1.58
N VAL D 71 -40.80 -25.03 2.29
CA VAL D 71 -40.99 -25.14 3.74
C VAL D 71 -40.34 -24.01 4.49
N LYS D 72 -41.07 -23.43 5.46
CA LYS D 72 -40.56 -22.31 6.23
C LYS D 72 -39.56 -22.73 7.29
N TYR D 73 -38.47 -21.96 7.39
CA TYR D 73 -37.47 -22.07 8.44
C TYR D 73 -38.11 -21.36 9.65
N ARG D 74 -37.93 -21.91 10.87
CA ARG D 74 -38.45 -21.31 12.09
C ARG D 74 -37.32 -20.87 13.01
N GLY D 75 -36.29 -21.67 13.10
CA GLY D 75 -35.16 -21.34 13.96
C GLY D 75 -34.26 -22.51 14.17
N VAL D 76 -33.48 -22.46 15.27
CA VAL D 76 -32.54 -23.50 15.66
C VAL D 76 -32.61 -23.76 17.17
N SER D 77 -32.18 -24.96 17.56
CA SER D 77 -32.08 -25.40 18.94
C SER D 77 -30.69 -25.96 19.09
N TYR D 78 -30.07 -25.78 20.29
CA TYR D 78 -28.75 -26.31 20.61
C TYR D 78 -28.45 -26.37 22.12
N SER D 84 -26.60 -30.68 20.84
CA SER D 84 -26.38 -30.80 19.39
C SER D 84 -27.41 -30.02 18.53
N LEU D 85 -26.90 -29.39 17.44
CA LEU D 85 -27.59 -28.56 16.50
C LEU D 85 -28.83 -29.23 15.89
N ARG D 86 -29.97 -28.49 15.97
CA ARG D 86 -31.29 -28.88 15.48
C ARG D 86 -31.90 -27.72 14.71
N LEU D 87 -32.46 -28.04 13.54
CA LEU D 87 -33.10 -27.09 12.64
C LEU D 87 -34.62 -27.17 12.87
N VAL D 88 -35.21 -26.05 13.35
CA VAL D 88 -36.66 -25.99 13.60
C VAL D 88 -37.30 -25.39 12.34
N MET D 89 -38.41 -26.04 11.87
CA MET D 89 -39.19 -25.68 10.67
C MET D 89 -40.69 -25.78 10.90
N GLU D 90 -41.47 -25.35 9.91
CA GLU D 90 -42.92 -25.46 9.97
C GLU D 90 -43.35 -26.91 9.78
N TYR D 91 -44.49 -27.26 10.33
CA TYR D 91 -45.03 -28.61 10.22
C TYR D 91 -46.18 -28.61 9.22
N LEU D 92 -46.13 -29.55 8.26
CA LEU D 92 -47.15 -29.78 7.23
C LEU D 92 -47.76 -31.09 7.58
N PRO D 93 -49.00 -31.05 8.09
CA PRO D 93 -49.62 -32.28 8.61
C PRO D 93 -49.93 -33.40 7.62
N SER D 94 -50.35 -33.05 6.37
CA SER D 94 -50.76 -34.04 5.37
C SER D 94 -49.63 -34.98 4.88
N GLY D 95 -48.39 -34.65 5.22
CA GLY D 95 -47.27 -35.51 4.86
C GLY D 95 -46.72 -35.40 3.46
N CYS D 96 -46.00 -36.41 3.05
CA CYS D 96 -45.29 -36.49 1.78
C CYS D 96 -46.23 -36.73 0.58
N LEU D 97 -46.01 -35.97 -0.53
CA LEU D 97 -46.77 -36.02 -1.77
C LEU D 97 -46.86 -37.42 -2.40
N ARG D 98 -45.78 -38.22 -2.30
CA ARG D 98 -45.76 -39.60 -2.83
C ARG D 98 -46.83 -40.47 -2.15
N ASP D 99 -46.95 -40.40 -0.80
CA ASP D 99 -47.95 -41.11 -0.02
C ASP D 99 -49.38 -40.60 -0.34
N PHE D 100 -49.58 -39.28 -0.32
CA PHE D 100 -50.86 -38.60 -0.59
C PHE D 100 -51.48 -38.94 -1.97
N LEU D 101 -50.65 -39.04 -3.03
CA LEU D 101 -51.08 -39.37 -4.40
C LEU D 101 -51.58 -40.81 -4.44
N GLN D 102 -50.86 -41.74 -3.81
CA GLN D 102 -51.18 -43.16 -3.75
C GLN D 102 -52.45 -43.40 -2.94
N ARG D 103 -52.58 -42.68 -1.81
CA ARG D 103 -53.69 -42.83 -0.90
C ARG D 103 -55.01 -42.22 -1.43
N HIS D 104 -54.93 -41.08 -2.14
CA HIS D 104 -56.13 -40.37 -2.62
C HIS D 104 -56.24 -40.28 -4.14
N ARG D 105 -55.53 -41.18 -4.86
CA ARG D 105 -55.49 -41.32 -6.33
C ARG D 105 -56.87 -41.18 -7.02
N ALA D 106 -57.88 -41.86 -6.49
CA ALA D 106 -59.24 -41.90 -7.03
C ALA D 106 -60.02 -40.57 -6.92
N ARG D 107 -59.61 -39.68 -5.98
CA ARG D 107 -60.25 -38.38 -5.72
C ARG D 107 -59.57 -37.23 -6.44
N LEU D 108 -58.32 -37.46 -6.91
CA LEU D 108 -57.51 -36.44 -7.55
C LEU D 108 -57.53 -36.56 -9.05
N ASP D 109 -57.89 -35.49 -9.75
CA ASP D 109 -57.96 -35.47 -11.21
C ASP D 109 -56.73 -34.77 -11.82
N ALA D 110 -56.63 -34.79 -13.17
CA ALA D 110 -55.52 -34.18 -13.93
C ALA D 110 -55.31 -32.69 -13.61
N SER D 111 -56.41 -31.95 -13.43
CA SER D 111 -56.45 -30.52 -13.13
C SER D 111 -55.78 -30.21 -11.78
N ARG D 112 -55.98 -31.12 -10.78
CA ARG D 112 -55.37 -30.99 -9.45
C ARG D 112 -53.88 -31.29 -9.51
N LEU D 113 -53.48 -32.32 -10.30
CA LEU D 113 -52.07 -32.67 -10.54
C LEU D 113 -51.37 -31.51 -11.23
N LEU D 114 -52.10 -30.79 -12.09
CA LEU D 114 -51.59 -29.62 -12.78
C LEU D 114 -51.36 -28.48 -11.77
N LEU D 115 -52.23 -28.37 -10.73
CA LEU D 115 -52.06 -27.37 -9.68
C LEU D 115 -50.78 -27.62 -8.89
N TYR D 116 -50.44 -28.92 -8.63
CA TYR D 116 -49.24 -29.31 -7.90
C TYR D 116 -48.02 -29.04 -8.72
N SER D 117 -48.01 -29.49 -10.00
CA SER D 117 -46.96 -29.24 -11.00
C SER D 117 -46.66 -27.74 -11.05
N SER D 118 -47.70 -26.87 -11.16
CA SER D 118 -47.60 -25.41 -11.21
C SER D 118 -47.01 -24.81 -9.95
N GLN D 119 -47.34 -25.38 -8.77
CA GLN D 119 -46.82 -24.93 -7.46
C GLN D 119 -45.36 -25.32 -7.27
N ILE D 120 -44.98 -26.58 -7.63
CA ILE D 120 -43.58 -27.05 -7.55
C ILE D 120 -42.75 -26.16 -8.50
N CYS D 121 -43.27 -25.92 -9.71
CA CYS D 121 -42.65 -25.06 -10.72
C CYS D 121 -42.36 -23.66 -10.19
N LYS D 122 -43.34 -23.01 -9.54
CA LYS D 122 -43.19 -21.68 -8.95
C LYS D 122 -42.16 -21.67 -7.82
N GLY D 123 -42.05 -22.77 -7.09
CA GLY D 123 -41.05 -22.92 -6.03
C GLY D 123 -39.64 -23.08 -6.58
N MET D 124 -39.50 -23.88 -7.63
CA MET D 124 -38.23 -24.13 -8.35
C MET D 124 -37.74 -22.88 -9.13
N GLU D 125 -38.68 -22.10 -9.65
CA GLU D 125 -38.39 -20.86 -10.33
C GLU D 125 -37.78 -19.89 -9.31
N TYR D 126 -38.38 -19.78 -8.10
CA TYR D 126 -37.86 -18.92 -7.03
C TYR D 126 -36.44 -19.37 -6.65
N LEU D 127 -36.27 -20.70 -6.40
CA LEU D 127 -34.98 -21.34 -6.09
C LEU D 127 -33.89 -20.89 -7.07
N GLY D 128 -34.18 -20.95 -8.38
CA GLY D 128 -33.31 -20.51 -9.45
C GLY D 128 -32.90 -19.05 -9.32
N SER D 129 -33.88 -18.15 -9.09
CA SER D 129 -33.62 -16.70 -8.90
C SER D 129 -32.68 -16.43 -7.68
N ARG D 130 -32.56 -17.44 -6.77
CA ARG D 130 -31.73 -17.42 -5.58
C ARG D 130 -30.43 -18.17 -5.81
N ARG D 131 -30.20 -18.56 -7.08
CA ARG D 131 -29.01 -19.27 -7.60
C ARG D 131 -28.70 -20.51 -6.77
N CYS D 132 -29.74 -21.26 -6.40
CA CYS D 132 -29.69 -22.47 -5.59
C CYS D 132 -30.19 -23.63 -6.45
N VAL D 133 -29.52 -24.79 -6.29
CA VAL D 133 -29.83 -26.03 -7.01
C VAL D 133 -30.18 -27.05 -5.92
N HIS D 134 -31.43 -27.53 -5.91
CA HIS D 134 -31.97 -28.48 -4.91
C HIS D 134 -31.23 -29.82 -4.94
N ARG D 135 -31.09 -30.41 -6.16
CA ARG D 135 -30.37 -31.66 -6.48
C ARG D 135 -31.18 -32.94 -6.16
N ASP D 136 -32.20 -32.85 -5.30
CA ASP D 136 -33.01 -34.01 -4.92
C ASP D 136 -34.50 -33.73 -5.06
N LEU D 137 -34.85 -33.12 -6.20
CA LEU D 137 -36.24 -32.80 -6.52
C LEU D 137 -36.94 -34.09 -6.98
N ALA D 138 -37.77 -34.68 -6.07
CA ALA D 138 -38.53 -35.90 -6.29
C ALA D 138 -39.81 -35.83 -5.47
N ALA D 139 -40.89 -36.61 -5.80
CA ALA D 139 -42.14 -36.58 -5.02
C ALA D 139 -41.96 -36.96 -3.52
N ARG D 140 -40.96 -37.79 -3.21
CA ARG D 140 -40.63 -38.16 -1.83
C ARG D 140 -40.23 -36.95 -0.96
N ASN D 141 -39.70 -35.85 -1.58
CA ASN D 141 -39.27 -34.63 -0.87
C ASN D 141 -40.24 -33.45 -1.05
N ILE D 142 -41.43 -33.71 -1.65
CA ILE D 142 -42.51 -32.73 -1.77
C ILE D 142 -43.51 -33.05 -0.66
N LEU D 143 -43.95 -32.02 0.07
CA LEU D 143 -44.91 -32.18 1.17
C LEU D 143 -46.24 -31.58 0.80
N VAL D 144 -47.32 -32.00 1.50
CA VAL D 144 -48.69 -31.52 1.28
C VAL D 144 -49.12 -30.61 2.45
N GLU D 145 -49.51 -29.35 2.14
CA GLU D 145 -50.09 -28.43 3.12
C GLU D 145 -51.57 -28.86 3.30
N SER D 146 -52.32 -28.85 2.19
CA SER D 146 -53.73 -29.25 2.07
C SER D 146 -53.90 -29.79 0.65
N GLU D 147 -55.07 -30.37 0.32
CA GLU D 147 -55.39 -30.90 -1.02
C GLU D 147 -55.23 -29.86 -2.15
N ALA D 148 -54.96 -28.58 -1.81
CA ALA D 148 -54.81 -27.50 -2.80
C ALA D 148 -53.51 -26.67 -2.63
N HIS D 149 -52.50 -27.23 -1.92
CA HIS D 149 -51.23 -26.54 -1.67
C HIS D 149 -50.09 -27.53 -1.30
N VAL D 150 -48.99 -27.51 -2.09
CA VAL D 150 -47.80 -28.32 -1.89
C VAL D 150 -46.58 -27.43 -1.67
N LYS D 151 -45.59 -27.90 -0.88
CA LYS D 151 -44.33 -27.20 -0.59
C LYS D 151 -43.13 -28.14 -0.79
N ILE D 152 -42.01 -27.62 -1.28
CA ILE D 152 -40.77 -28.35 -1.53
C ILE D 152 -40.02 -28.44 -0.23
N ALA D 153 -39.43 -29.62 0.07
CA ALA D 153 -38.66 -29.88 1.30
C ALA D 153 -37.30 -30.55 1.03
N ASP D 154 -36.52 -30.84 2.10
CA ASP D 154 -35.19 -31.48 2.10
C ASP D 154 -34.16 -30.75 1.27
N PHE D 155 -33.52 -29.75 1.87
CA PHE D 155 -32.46 -29.00 1.20
C PHE D 155 -31.10 -29.55 1.66
N GLY D 156 -31.12 -30.82 2.08
CA GLY D 156 -29.97 -31.58 2.55
C GLY D 156 -28.86 -31.72 1.55
N LEU D 157 -29.23 -31.82 0.25
CA LEU D 157 -28.33 -31.94 -0.90
C LEU D 157 -28.19 -30.63 -1.69
N ALA D 158 -28.96 -29.61 -1.31
CA ALA D 158 -28.97 -28.33 -2.01
C ALA D 158 -27.63 -27.63 -2.02
N LYS D 159 -27.27 -27.06 -3.19
CA LYS D 159 -26.00 -26.36 -3.38
C LYS D 159 -26.25 -24.99 -3.97
N LEU D 160 -25.52 -23.97 -3.51
CA LEU D 160 -25.59 -22.65 -4.09
C LEU D 160 -24.61 -22.58 -5.23
N LEU D 161 -25.04 -22.00 -6.35
CA LEU D 161 -24.22 -21.84 -7.54
C LEU D 161 -23.09 -20.83 -7.25
N PRO D 162 -21.84 -21.10 -7.69
CA PRO D 162 -20.76 -20.12 -7.46
C PRO D 162 -21.16 -18.76 -8.00
N LEU D 163 -20.73 -17.67 -7.33
CA LEU D 163 -21.07 -16.30 -7.72
C LEU D 163 -20.70 -15.94 -9.18
N ASP D 164 -19.77 -16.70 -9.79
CA ASP D 164 -19.37 -16.47 -11.18
C ASP D 164 -19.82 -17.58 -12.17
N LYS D 165 -20.42 -18.69 -11.68
CA LYS D 165 -20.80 -19.80 -12.57
C LYS D 165 -22.29 -20.18 -12.58
N ASP D 166 -22.73 -20.87 -13.62
CA ASP D 166 -24.12 -21.35 -13.75
C ASP D 166 -24.28 -22.85 -13.49
N PTR D 167 -23.16 -23.54 -13.24
CA PTR D 167 -23.12 -24.95 -12.95
C PTR D 167 -22.30 -25.20 -11.67
O PTR D 167 -21.67 -24.27 -11.16
CB PTR D 167 -22.52 -25.72 -14.15
CG PTR D 167 -21.09 -25.36 -14.48
CD1 PTR D 167 -20.80 -24.33 -15.36
CD2 PTR D 167 -20.02 -26.07 -13.92
CE1 PTR D 167 -19.49 -23.98 -15.65
CE2 PTR D 167 -18.72 -25.75 -14.21
CZ PTR D 167 -18.44 -24.69 -15.08
OH PTR D 167 -17.09 -24.34 -15.42
P PTR D 167 -15.80 -24.73 -14.59
O1P PTR D 167 -15.83 -23.88 -13.33
O2P PTR D 167 -15.74 -26.25 -14.29
O3P PTR D 167 -14.63 -24.24 -15.42
N PTR D 168 -22.33 -26.41 -11.16
CA PTR D 168 -21.62 -26.83 -9.98
C PTR D 168 -21.29 -28.32 -10.10
O PTR D 168 -22.16 -29.14 -10.38
CB PTR D 168 -22.47 -26.55 -8.73
CG PTR D 168 -21.71 -26.69 -7.44
CD1 PTR D 168 -20.67 -25.81 -7.12
CD2 PTR D 168 -21.96 -27.74 -6.55
CE1 PTR D 168 -19.94 -25.95 -5.96
CE2 PTR D 168 -21.24 -27.89 -5.39
CZ PTR D 168 -20.21 -27.01 -5.10
OH PTR D 168 -19.43 -27.05 -3.93
P PTR D 168 -19.09 -28.28 -2.99
O1P PTR D 168 -20.04 -28.17 -1.80
O2P PTR D 168 -19.42 -29.59 -3.66
O3P PTR D 168 -17.65 -28.17 -2.59
N VAL D 169 -20.00 -28.65 -9.91
CA VAL D 169 -19.47 -30.03 -9.94
C VAL D 169 -19.26 -30.45 -8.48
N VAL D 170 -19.77 -31.62 -8.07
CA VAL D 170 -19.65 -32.12 -6.70
C VAL D 170 -18.51 -33.15 -6.53
N SER D 176 -26.33 -40.33 -5.51
CA SER D 176 -27.34 -41.25 -4.99
C SER D 176 -28.69 -41.24 -5.79
N PRO D 177 -29.51 -40.13 -5.86
CA PRO D 177 -30.79 -40.21 -6.60
C PRO D 177 -30.69 -40.23 -8.14
N ILE D 178 -29.96 -41.21 -8.69
CA ILE D 178 -29.61 -41.37 -10.11
C ILE D 178 -30.83 -41.48 -11.06
N PHE D 179 -31.99 -42.01 -10.62
CA PHE D 179 -33.14 -42.09 -11.55
C PHE D 179 -33.79 -40.72 -11.83
N TRP D 180 -33.44 -39.69 -11.05
CA TRP D 180 -33.93 -38.31 -11.17
C TRP D 180 -32.86 -37.39 -11.79
N TYR D 181 -31.65 -37.92 -12.07
CA TYR D 181 -30.44 -37.23 -12.57
C TYR D 181 -30.35 -37.04 -14.05
N ALA D 182 -29.92 -35.83 -14.45
CA ALA D 182 -29.68 -35.46 -15.83
C ALA D 182 -28.39 -36.15 -16.30
N PRO D 183 -28.29 -36.51 -17.63
CA PRO D 183 -27.07 -37.17 -18.15
C PRO D 183 -25.75 -36.49 -17.80
N GLU D 184 -25.71 -35.15 -17.76
CA GLU D 184 -24.49 -34.45 -17.37
C GLU D 184 -24.15 -34.65 -15.90
N SER D 185 -25.16 -34.92 -15.04
CA SER D 185 -24.93 -35.16 -13.62
C SER D 185 -24.34 -36.57 -13.49
N LEU D 186 -24.98 -37.56 -14.19
CA LEU D 186 -24.53 -38.95 -14.22
C LEU D 186 -23.09 -39.08 -14.73
N SER D 187 -22.78 -38.41 -15.85
CA SER D 187 -21.47 -38.47 -16.49
C SER D 187 -20.38 -37.63 -15.85
N ASP D 188 -20.67 -36.36 -15.49
CA ASP D 188 -19.62 -35.48 -15.00
C ASP D 188 -19.89 -34.81 -13.66
N ASN D 189 -20.97 -35.21 -12.97
CA ASN D 189 -21.39 -34.67 -11.68
C ASN D 189 -21.66 -33.15 -11.74
N ILE D 190 -22.23 -32.72 -12.88
CA ILE D 190 -22.60 -31.33 -13.09
C ILE D 190 -24.06 -31.14 -12.71
N PHE D 191 -24.30 -30.13 -11.87
CA PHE D 191 -25.62 -29.76 -11.37
C PHE D 191 -25.80 -28.31 -11.62
N SER D 192 -26.99 -27.97 -12.12
CA SER D 192 -27.40 -26.62 -12.45
C SER D 192 -28.90 -26.54 -12.30
N ARG D 193 -29.49 -25.39 -12.62
CA ARG D 193 -30.93 -25.17 -12.62
C ARG D 193 -31.55 -26.11 -13.66
N GLN D 194 -30.86 -26.34 -14.77
CA GLN D 194 -31.35 -27.23 -15.81
C GLN D 194 -31.40 -28.68 -15.30
N SER D 195 -30.37 -29.10 -14.58
CA SER D 195 -30.31 -30.45 -14.03
C SER D 195 -31.62 -30.68 -13.24
N ASP D 196 -32.07 -29.65 -12.48
CA ASP D 196 -33.32 -29.63 -11.71
C ASP D 196 -34.56 -29.59 -12.62
N VAL D 197 -34.43 -29.01 -13.83
CA VAL D 197 -35.50 -29.00 -14.81
C VAL D 197 -35.68 -30.48 -15.24
N TRP D 198 -34.55 -31.20 -15.48
CA TRP D 198 -34.58 -32.61 -15.84
C TRP D 198 -35.33 -33.38 -14.74
N SER D 199 -34.96 -33.12 -13.48
CA SER D 199 -35.58 -33.74 -12.30
C SER D 199 -37.10 -33.49 -12.27
N PHE D 200 -37.52 -32.26 -12.65
CA PHE D 200 -38.92 -31.85 -12.70
C PHE D 200 -39.76 -32.76 -13.62
N GLY D 201 -39.21 -33.16 -14.78
CA GLY D 201 -39.88 -34.05 -15.72
C GLY D 201 -40.19 -35.39 -15.09
N VAL D 202 -39.26 -35.90 -14.25
CA VAL D 202 -39.42 -37.14 -13.47
C VAL D 202 -40.51 -36.95 -12.39
N VAL D 203 -40.60 -35.72 -11.81
CA VAL D 203 -41.62 -35.35 -10.82
C VAL D 203 -42.99 -35.37 -11.55
N LEU D 204 -43.10 -34.73 -12.75
CA LEU D 204 -44.33 -34.72 -13.55
C LEU D 204 -44.77 -36.15 -13.84
N TYR D 205 -43.79 -37.02 -14.08
CA TYR D 205 -44.07 -38.43 -14.34
C TYR D 205 -44.70 -39.04 -13.10
N GLU D 206 -44.07 -38.85 -11.95
CA GLU D 206 -44.61 -39.37 -10.71
C GLU D 206 -46.02 -38.86 -10.47
N LEU D 207 -46.22 -37.54 -10.56
CA LEU D 207 -47.54 -36.96 -10.35
C LEU D 207 -48.59 -37.66 -11.21
N PHE D 208 -48.33 -37.77 -12.51
CA PHE D 208 -49.23 -38.32 -13.49
C PHE D 208 -49.35 -39.87 -13.46
N THR D 209 -48.44 -40.57 -12.75
CA THR D 209 -48.57 -42.01 -12.50
C THR D 209 -49.17 -42.20 -11.08
N TYR D 210 -49.46 -41.07 -10.37
CA TYR D 210 -49.98 -41.01 -8.99
C TYR D 210 -49.04 -41.76 -8.05
N CYS D 211 -47.75 -41.73 -8.37
CA CYS D 211 -46.66 -42.39 -7.65
C CYS D 211 -46.84 -43.92 -7.53
N ASP D 212 -47.52 -44.56 -8.51
CA ASP D 212 -47.78 -46.00 -8.57
C ASP D 212 -46.46 -46.77 -8.43
N LYS D 213 -46.37 -47.67 -7.45
CA LYS D 213 -45.16 -48.45 -7.16
C LYS D 213 -44.75 -49.29 -8.38
N SER D 214 -45.77 -49.73 -9.13
CA SER D 214 -45.70 -50.53 -10.32
C SER D 214 -44.83 -49.86 -11.41
N CYS D 215 -45.12 -48.58 -11.72
CA CYS D 215 -44.42 -47.81 -12.73
C CYS D 215 -43.64 -46.63 -12.16
N SER D 216 -42.91 -46.86 -11.07
CA SER D 216 -42.10 -45.80 -10.47
C SER D 216 -40.85 -45.55 -11.33
N PRO D 217 -40.16 -44.38 -11.24
CA PRO D 217 -38.97 -44.15 -12.07
C PRO D 217 -37.83 -45.14 -11.80
N SER D 218 -37.79 -45.69 -10.57
CA SER D 218 -36.82 -46.72 -10.14
C SER D 218 -37.20 -48.02 -10.84
N ALA D 219 -38.43 -48.53 -10.58
CA ALA D 219 -38.99 -49.77 -11.11
C ALA D 219 -38.89 -49.87 -12.62
N GLU D 220 -39.09 -48.73 -13.29
CA GLU D 220 -39.03 -48.68 -14.74
C GLU D 220 -37.61 -48.69 -15.31
N PHE D 221 -36.72 -47.84 -14.81
CA PHE D 221 -35.35 -47.81 -15.35
C PHE D 221 -34.60 -49.08 -15.12
N LEU D 222 -34.83 -49.71 -13.96
CA LEU D 222 -34.31 -51.01 -13.55
C LEU D 222 -34.62 -52.06 -14.66
N ARG D 223 -35.90 -52.17 -15.13
CA ARG D 223 -36.27 -53.11 -16.19
C ARG D 223 -35.62 -52.78 -17.56
N MET D 224 -35.41 -51.48 -17.86
CA MET D 224 -34.78 -51.03 -19.10
C MET D 224 -33.30 -51.37 -19.09
N MET D 225 -32.63 -51.22 -17.90
CA MET D 225 -31.20 -51.52 -17.69
C MET D 225 -30.81 -52.99 -17.99
N GLY D 226 -31.76 -53.93 -17.86
CA GLY D 226 -31.58 -55.35 -18.17
C GLY D 226 -30.83 -56.18 -17.15
N SER D 227 -30.34 -57.35 -17.61
CA SER D 227 -29.67 -58.34 -16.78
C SER D 227 -28.16 -58.46 -16.99
N GLU D 228 -27.46 -57.45 -16.46
CA GLU D 228 -26.00 -57.29 -16.47
C GLU D 228 -25.66 -56.31 -15.35
N ARG D 229 -26.02 -56.73 -14.13
CA ARG D 229 -25.88 -55.99 -12.87
C ARG D 229 -24.41 -55.66 -12.47
N ASP D 230 -23.40 -56.40 -12.98
CA ASP D 230 -21.99 -56.04 -12.73
C ASP D 230 -21.55 -54.78 -13.53
N VAL D 231 -22.28 -54.47 -14.63
CA VAL D 231 -22.03 -53.26 -15.40
C VAL D 231 -22.64 -52.15 -14.55
N PRO D 232 -21.82 -51.14 -14.14
CA PRO D 232 -22.35 -50.14 -13.19
C PRO D 232 -23.63 -49.46 -13.67
N ALA D 233 -24.57 -49.24 -12.73
CA ALA D 233 -25.86 -48.57 -12.99
C ALA D 233 -25.67 -47.24 -13.70
N LEU D 234 -24.75 -46.40 -13.21
CA LEU D 234 -24.39 -45.08 -13.74
C LEU D 234 -23.95 -45.18 -15.21
N SER D 235 -23.30 -46.31 -15.59
CA SER D 235 -22.84 -46.60 -16.95
C SER D 235 -24.02 -47.06 -17.84
N ARG D 236 -24.80 -48.09 -17.38
CA ARG D 236 -25.96 -48.63 -18.11
C ARG D 236 -27.07 -47.60 -18.30
N LEU D 237 -27.27 -46.71 -17.30
CA LEU D 237 -28.31 -45.67 -17.33
C LEU D 237 -27.97 -44.57 -18.30
N LEU D 238 -26.69 -44.18 -18.40
CA LEU D 238 -26.19 -43.14 -19.31
C LEU D 238 -26.25 -43.57 -20.78
N GLU D 239 -25.97 -44.86 -21.04
CA GLU D 239 -26.03 -45.49 -22.36
C GLU D 239 -27.49 -45.42 -22.84
N LEU D 240 -28.38 -45.91 -21.99
CA LEU D 240 -29.84 -45.96 -22.05
C LEU D 240 -30.43 -44.55 -22.34
N LEU D 241 -29.88 -43.47 -21.74
CA LEU D 241 -30.36 -42.12 -21.96
C LEU D 241 -29.72 -41.42 -23.18
N GLU D 242 -28.54 -41.87 -23.59
CA GLU D 242 -27.89 -41.34 -24.77
C GLU D 242 -28.67 -41.85 -26.00
N GLU D 243 -29.10 -43.11 -25.94
CA GLU D 243 -29.85 -43.69 -27.04
C GLU D 243 -31.11 -42.88 -27.30
N GLY D 244 -31.71 -42.37 -26.23
CA GLY D 244 -32.92 -41.56 -26.30
C GLY D 244 -34.06 -42.25 -25.61
N GLN D 245 -33.74 -43.31 -24.87
CA GLN D 245 -34.75 -44.08 -24.15
C GLN D 245 -35.13 -43.31 -22.89
N ARG D 246 -36.44 -43.22 -22.67
CA ARG D 246 -37.03 -42.43 -21.60
C ARG D 246 -38.06 -43.24 -20.84
N LEU D 247 -38.55 -42.65 -19.74
CA LEU D 247 -39.65 -43.16 -18.95
C LEU D 247 -40.89 -43.06 -19.87
N PRO D 248 -41.75 -44.10 -19.97
CA PRO D 248 -42.91 -44.04 -20.88
C PRO D 248 -43.94 -42.95 -20.56
N ALA D 249 -44.89 -42.73 -21.47
CA ALA D 249 -45.96 -41.77 -21.23
C ALA D 249 -46.87 -42.37 -20.15
N PRO D 250 -47.11 -41.67 -19.01
CA PRO D 250 -47.98 -42.26 -17.97
C PRO D 250 -49.36 -42.62 -18.52
N PRO D 251 -50.01 -43.70 -18.02
CA PRO D 251 -51.33 -44.05 -18.57
C PRO D 251 -52.35 -42.93 -18.36
N ALA D 252 -53.08 -42.61 -19.45
CA ALA D 252 -54.13 -41.58 -19.52
C ALA D 252 -53.61 -40.13 -19.30
N CYS D 253 -52.27 -39.94 -19.19
CA CYS D 253 -51.65 -38.62 -19.00
C CYS D 253 -51.96 -37.69 -20.18
N PRO D 254 -52.41 -36.44 -19.91
CA PRO D 254 -52.66 -35.48 -21.00
C PRO D 254 -51.44 -35.34 -21.91
N ALA D 255 -51.60 -35.58 -23.22
CA ALA D 255 -50.54 -35.55 -24.22
C ALA D 255 -49.68 -34.30 -24.17
N GLU D 256 -50.28 -33.16 -23.81
CA GLU D 256 -49.53 -31.92 -23.71
C GLU D 256 -48.53 -31.97 -22.56
N VAL D 257 -48.94 -32.59 -21.46
CA VAL D 257 -48.10 -32.73 -20.27
C VAL D 257 -46.91 -33.62 -20.61
N HIS D 258 -47.18 -34.78 -21.20
CA HIS D 258 -46.13 -35.70 -21.62
C HIS D 258 -45.15 -35.00 -22.55
N GLU D 259 -45.63 -34.02 -23.30
CA GLU D 259 -44.77 -33.27 -24.22
C GLU D 259 -43.79 -32.39 -23.43
N LEU D 260 -44.29 -31.79 -22.36
CA LEU D 260 -43.48 -30.92 -21.49
C LEU D 260 -42.43 -31.72 -20.76
N MET D 261 -42.76 -32.97 -20.40
CA MET D 261 -41.87 -33.94 -19.79
C MET D 261 -40.69 -34.13 -20.75
N LYS D 262 -40.98 -34.52 -22.01
CA LYS D 262 -39.97 -34.74 -23.07
C LYS D 262 -39.01 -33.57 -23.21
N LEU D 263 -39.52 -32.32 -23.13
CA LEU D 263 -38.67 -31.12 -23.17
C LEU D 263 -37.72 -30.99 -22.00
N CYS D 264 -38.20 -31.25 -20.73
CA CYS D 264 -37.42 -31.20 -19.47
C CYS D 264 -36.28 -32.18 -19.58
N TRP D 265 -36.46 -33.20 -20.43
CA TRP D 265 -35.54 -34.33 -20.74
C TRP D 265 -34.73 -34.25 -22.07
N ALA D 266 -34.51 -33.02 -22.59
CA ALA D 266 -33.66 -32.74 -23.75
C ALA D 266 -32.23 -33.14 -23.38
N PRO D 267 -31.46 -33.81 -24.28
CA PRO D 267 -30.10 -34.30 -23.89
C PRO D 267 -29.12 -33.23 -23.41
N SER D 268 -29.15 -32.05 -24.05
CA SER D 268 -28.31 -30.91 -23.73
C SER D 268 -29.07 -30.01 -22.74
N PRO D 269 -28.43 -29.56 -21.63
CA PRO D 269 -29.14 -28.70 -20.67
C PRO D 269 -29.66 -27.38 -21.25
N GLN D 270 -28.99 -26.84 -22.26
CA GLN D 270 -29.40 -25.58 -22.87
C GLN D 270 -30.71 -25.64 -23.69
N ASP D 271 -31.16 -26.84 -24.01
CA ASP D 271 -32.39 -27.04 -24.79
C ASP D 271 -33.62 -27.39 -23.94
N ARG D 272 -33.41 -27.61 -22.64
CA ARG D 272 -34.47 -27.87 -21.67
C ARG D 272 -35.13 -26.52 -21.38
N PRO D 273 -36.46 -26.45 -21.22
CA PRO D 273 -37.08 -25.16 -20.93
C PRO D 273 -36.73 -24.69 -19.52
N SER D 274 -36.79 -23.38 -19.29
CA SER D 274 -36.53 -22.87 -17.95
C SER D 274 -37.82 -23.04 -17.10
N PHE D 275 -37.72 -22.83 -15.78
CA PHE D 275 -38.91 -22.94 -14.96
C PHE D 275 -39.84 -21.80 -15.29
N SER D 276 -39.21 -20.65 -15.48
CA SER D 276 -39.83 -19.41 -15.84
C SER D 276 -40.71 -19.60 -17.10
N ALA D 277 -40.23 -20.45 -18.05
CA ALA D 277 -40.92 -20.79 -19.31
C ALA D 277 -42.00 -21.85 -19.11
N LEU D 278 -41.72 -22.84 -18.23
CA LEU D 278 -42.63 -23.96 -17.95
C LEU D 278 -43.86 -23.51 -17.23
N GLY D 279 -43.71 -22.57 -16.30
CA GLY D 279 -44.77 -22.01 -15.46
C GLY D 279 -46.05 -21.69 -16.21
N PRO D 280 -45.99 -20.76 -17.20
CA PRO D 280 -47.20 -20.43 -17.97
C PRO D 280 -47.73 -21.63 -18.74
N GLN D 281 -46.85 -22.41 -19.34
CA GLN D 281 -47.23 -23.59 -20.10
C GLN D 281 -48.13 -24.49 -19.28
N LEU D 282 -47.72 -24.78 -18.04
CA LEU D 282 -48.52 -25.64 -17.19
C LEU D 282 -49.83 -24.92 -16.84
N ASP D 283 -49.76 -23.65 -16.36
CA ASP D 283 -50.92 -22.85 -15.96
C ASP D 283 -51.98 -22.65 -17.04
N MET D 284 -51.55 -22.60 -18.30
CA MET D 284 -52.42 -22.36 -19.44
C MET D 284 -52.92 -23.65 -20.13
N LEU D 285 -52.98 -24.77 -19.40
CA LEU D 285 -53.55 -26.02 -19.91
C LEU D 285 -54.93 -26.24 -19.25
N TRP D 286 -55.04 -25.92 -17.97
CA TRP D 286 -56.29 -26.08 -17.24
C TRP D 286 -56.90 -27.46 -17.49
C13 9YV E . 43.46 14.35 -15.99
C18 9YV E . 42.16 11.89 -18.60
C16 9YV E . 43.47 13.31 -17.07
C15 9YV E . 42.43 15.47 -14.11
C20 9YV E . 42.11 12.49 -20.01
C21 9YV E . 40.70 12.98 -20.36
C23 9YV E . 39.67 11.48 -18.80
C24 9YV E . 41.01 10.90 -18.35
C11 9YV E . 44.54 16.25 -14.97
C12 9YV E . 44.52 15.25 -15.92
C34 9YV E . 39.07 14.64 -12.79
C33 9YV E . 39.34 13.48 -12.09
C1 9YV E . 40.54 19.73 -11.32
C2 9YV E . 41.91 20.03 -11.31
N3 9YV E . 42.84 19.33 -11.96
C4 9YV E . 42.45 18.28 -12.68
C5 9YV E . 41.10 17.91 -12.79
C6 9YV E . 40.13 18.62 -12.09
N7 9YV E . 38.78 18.25 -12.16
C8 9YV E . 39.65 20.51 -10.39
N9 9YV E . 43.48 17.53 -13.24
C10 9YV E . 43.48 16.39 -14.07
C14 9YV E . 42.42 14.46 -15.06
N17 9YV E . 42.27 12.91 -17.55
O19 9YV E . 44.54 12.88 -17.51
N22 9YV E . 39.72 11.91 -20.20
C25 9YV E . 38.38 12.37 -20.65
N26 9YV E . 40.10 21.68 -9.93
O27 9YV E . 38.59 20.02 -10.01
C28 9YV E . 38.37 17.07 -12.90
C29 9YV E . 38.64 15.79 -12.14
C30 9YV E . 38.49 15.74 -10.75
C31 9YV E . 38.77 14.58 -10.04
C32 9YV E . 39.18 13.44 -10.71
C13 9YV F . 4.34 -11.48 -6.93
C18 9YV F . 6.74 -8.82 -5.59
C16 9YV F . 5.04 -10.16 -6.84
C15 9YV F . 3.45 -13.44 -5.83
C20 9YV F . 7.90 -8.86 -6.58
C21 9YV F . 8.95 -7.81 -6.23
C23 9YV F . 8.33 -7.81 -3.93
C24 9YV F . 7.24 -8.86 -4.14
C11 9YV F . 3.41 -13.29 -8.22
C12 9YV F . 3.99 -12.03 -8.16
C34 9YV F . 2.39 -15.74 -1.36
C33 9YV F . 1.41 -14.87 -0.91
C1 9YV F . 2.92 -18.69 -4.75
C2 9YV F . 2.35 -18.66 -6.02
N3 9YV F . 2.32 -17.57 -6.80
C4 9YV F . 2.89 -16.45 -6.33
C5 9YV F . 3.51 -16.39 -5.08
C6 9YV F . 3.51 -17.51 -4.26
N7 9YV F . 4.06 -17.46 -2.98
C8 9YV F . 2.72 -19.93 -3.93
N9 9YV F . 2.72 -15.35 -7.16
C10 9YV F . 3.16 -14.02 -7.05
C14 9YV F . 4.05 -12.19 -5.76
N17 9YV F . 5.88 -10.00 -5.78
O19 9YV F . 4.85 -9.28 -7.67
N22 9YV F . 9.44 -8.01 -4.87
C25 9YV F . 10.52 -7.07 -4.57
N26 9YV F . 2.40 -19.77 -2.65
O27 9YV F . 2.78 -21.02 -4.45
C28 9YV F . 4.61 -16.23 -2.43
C29 9YV F . 3.55 -15.26 -1.95
C30 9YV F . 3.72 -13.88 -2.08
C31 9YV F . 2.74 -13.01 -1.63
C32 9YV F . 1.58 -13.51 -1.04
C13 9YV G . -2.16 33.44 14.46
C18 9YV G . -3.77 36.82 15.20
C16 9YV G . -2.69 34.59 15.26
C15 9YV G . -1.36 32.47 12.40
C20 9YV G . -4.97 36.73 16.17
C21 9YV G . -6.29 36.64 15.41
C23 9YV G . -5.38 37.74 13.49
C24 9YV G . -4.00 37.89 14.14
C11 9YV G . -1.57 31.10 14.35
C12 9YV G . -2.01 32.19 15.07
C34 9YV G . -1.79 34.18 9.49
C33 9YV G . -0.71 34.99 9.78
C1 9YV G . -1.71 28.82 8.40
C2 9YV G . -1.17 28.02 9.41
N3 9YV G . -1.02 28.41 10.68
C4 9YV G . -1.42 29.63 11.00
C5 9YV G . -2.00 30.50 10.08
C6 9YV G . -2.12 30.13 8.75
N7 9YV G . -2.55 31.03 7.80
C8 9YV G . -1.74 28.31 7.00
N9 9YV G . -1.02 30.04 12.26
C10 9YV G . -1.27 31.22 13.00
C14 9YV G . -1.82 33.57 13.12
N17 9YV G . -3.42 35.52 14.61
O19 9YV G . -2.49 34.67 16.48
N22 9YV G . -6.43 37.78 14.50
C25 9YV G . -7.76 37.76 13.85
N26 9YV G . -1.72 27.00 6.83
O27 9YV G . -1.74 29.09 6.05
C28 9YV G . -2.94 32.40 8.13
C29 9YV G . -1.78 33.33 8.39
C30 9YV G . -0.66 33.32 7.56
C31 9YV G . 0.43 34.15 7.84
C32 9YV G . 0.41 34.97 8.96
C13 9YV H . -45.27 -37.55 7.87
C18 9YV H . -44.48 -41.26 8.29
C16 9YV H . -45.48 -39.03 8.04
C15 9YV H . -43.99 -35.69 7.02
C20 9YV H . -44.42 -41.68 9.77
C21 9YV H . -42.98 -41.77 10.26
C23 9YV H . -42.10 -42.10 8.08
C24 9YV H . -43.49 -42.05 7.43
C11 9YV H . -45.98 -35.29 8.31
C12 9YV H . -46.17 -36.66 8.43
C34 9YV H . -40.72 -36.07 5.30
C33 9YV H . -41.14 -36.47 4.04
C1 9YV H . -41.26 -31.02 7.39
C2 9YV H . -42.57 -30.56 7.64
N3 9YV H . -43.63 -31.36 7.76
C4 9YV H . -43.44 -32.67 7.67
C5 9YV H . -42.18 -33.24 7.47
C6 9YV H . -41.07 -32.41 7.30
N7 9YV H . -39.82 -32.96 7.02
C8 9YV H . -40.22 -29.99 7.09
N9 9YV H . -44.61 -33.41 7.68
C10 9YV H . -44.87 -34.80 7.62
C14 9YV H . -44.18 -37.05 7.16
N17 9YV H . -44.38 -39.81 8.11
O19 9YV H . -46.61 -39.49 8.15
N22 9YV H . -42.19 -42.66 9.43
C25 9YV H . -40.84 -42.84 10.00
N26 9YV H . -40.45 -28.75 7.48
O27 9YV H . -39.22 -30.29 6.43
C28 9YV H . -39.62 -34.38 6.84
C29 9YV H . -40.06 -34.85 5.47
C30 9YV H . -39.86 -34.05 4.36
C31 9YV H . -40.28 -34.46 3.10
C32 9YV H . -40.91 -35.67 2.94
#